data_6L8U
#
_entry.id   6L8U
#
_cell.length_a   48.140
_cell.length_b   140.340
_cell.length_c   86.420
_cell.angle_alpha   90.000
_cell.angle_beta   105.440
_cell.angle_gamma   90.000
#
_symmetry.space_group_name_H-M   'P 1 21 1'
#
loop_
_entity.id
_entity.type
_entity.pdbx_description
1 polymer "RNA 5'-monophosphate methyltransferase"
2 non-polymer S-ADENOSYL-L-HOMOCYSTEINE
3 water water
#
_entity_poly.entity_id   1
_entity_poly.type   'polypeptide(L)'
_entity_poly.pdbx_seq_one_letter_code
;MGSSHHHHHHSSGLVPRGSHMETAAEEESRVLAPGAAPFGNFPHYSRFHPPEQRLRLLPPELLRQLFPESPENGPILGLD
VGCNSGDLSVALYKHFLSLASREFRLLCCDIDPVLVKRAEKECPFPDALTFITLDFMNQRTRKVLLSSFLSQFGRSVFDI
GFCMSITMWIHLNHGDHGLWEFLAHLSSLCHYLLVEPQPWKCYRAAARRLRKLGLHDFDHFHSLAIRGDMPNQIVQILTQ
DHGMELICCFGNTSWDRSLLLFRAKQTIETHPIPESLIEKGKEK
;
_entity_poly.pdbx_strand_id   A,B,C,D
#
# COMPACT_ATOMS: atom_id res chain seq x y z
N ALA A 37 15.60 -4.27 -41.61
CA ALA A 37 14.71 -4.18 -40.46
C ALA A 37 13.38 -3.53 -40.84
N PRO A 38 12.51 -4.29 -41.51
CA PRO A 38 11.22 -3.71 -41.93
C PRO A 38 10.25 -3.54 -40.78
N PHE A 39 10.25 -4.43 -39.81
CA PHE A 39 9.38 -4.26 -38.63
C PHE A 39 9.90 -3.21 -37.68
N GLY A 40 10.96 -2.49 -38.04
CA GLY A 40 11.56 -1.54 -37.11
C GLY A 40 12.47 -2.17 -36.08
N ASN A 41 13.00 -3.36 -36.35
CA ASN A 41 13.88 -4.05 -35.41
C ASN A 41 15.30 -3.53 -35.58
N PHE A 42 15.48 -2.25 -35.23
CA PHE A 42 16.78 -1.63 -35.25
C PHE A 42 17.59 -2.08 -34.04
N PRO A 43 18.76 -2.67 -34.22
CA PRO A 43 19.53 -3.17 -33.06
C PRO A 43 19.91 -2.05 -32.12
N HIS A 44 19.66 -2.23 -30.83
CA HIS A 44 19.98 -1.15 -29.88
C HIS A 44 19.35 0.20 -30.21
N TYR A 45 18.03 0.24 -30.19
CA TYR A 45 17.23 1.42 -30.46
C TYR A 45 17.53 2.48 -29.41
N SER A 46 18.14 2.05 -28.32
CA SER A 46 18.47 2.93 -27.20
C SER A 46 19.48 4.03 -27.56
N ARG A 47 20.29 3.82 -28.58
CA ARG A 47 21.18 4.86 -29.09
C ARG A 47 20.35 6.03 -29.64
N PHE A 48 19.21 5.68 -30.23
CA PHE A 48 18.19 6.63 -30.64
C PHE A 48 17.59 7.01 -29.31
N HIS A 49 16.59 7.89 -29.27
CA HIS A 49 16.34 8.76 -28.13
C HIS A 49 16.33 7.98 -26.82
N PRO A 50 17.09 8.52 -25.89
CA PRO A 50 17.40 7.87 -24.61
C PRO A 50 16.16 7.62 -23.77
N PRO A 51 16.22 6.63 -22.89
CA PRO A 51 15.07 6.29 -22.08
C PRO A 51 14.67 7.47 -21.21
N GLU A 52 15.66 8.19 -20.71
CA GLU A 52 15.44 9.23 -19.71
C GLU A 52 14.55 10.37 -20.20
N GLN A 53 14.71 10.84 -21.43
CA GLN A 53 13.80 11.89 -21.90
C GLN A 53 12.71 11.29 -22.79
N ARG A 54 12.16 10.20 -22.27
CA ARG A 54 10.88 9.69 -22.68
C ARG A 54 10.05 9.32 -21.46
N LEU A 55 10.67 9.34 -20.27
CA LEU A 55 10.01 9.03 -19.01
C LEU A 55 10.24 10.12 -17.97
N ARG A 56 10.91 11.22 -18.33
CA ARG A 56 11.14 12.30 -17.37
C ARG A 56 9.83 12.87 -16.86
N LEU A 57 8.81 12.94 -17.72
CA LEU A 57 7.49 13.36 -17.32
C LEU A 57 6.61 12.19 -16.91
N LEU A 58 7.14 10.97 -16.94
CA LEU A 58 6.42 9.82 -16.42
C LEU A 58 6.65 9.71 -14.92
N PRO A 59 5.59 9.65 -14.11
CA PRO A 59 5.77 9.58 -12.66
C PRO A 59 6.29 8.22 -12.23
N PRO A 60 7.35 8.19 -11.42
CA PRO A 60 7.84 6.90 -10.91
C PRO A 60 6.84 6.19 -10.01
N GLU A 61 5.90 6.93 -9.42
CA GLU A 61 4.86 6.38 -8.57
C GLU A 61 3.68 5.81 -9.38
N LEU A 62 3.84 5.65 -10.69
CA LEU A 62 2.72 5.16 -11.50
C LEU A 62 2.21 3.81 -11.00
N LEU A 63 3.14 2.87 -10.74
CA LEU A 63 2.73 1.57 -10.22
C LEU A 63 2.06 1.70 -8.86
N ARG A 64 2.42 2.72 -8.08
CA ARG A 64 1.72 2.99 -6.83
C ARG A 64 0.39 3.70 -7.06
N GLN A 65 0.28 4.48 -8.13
CA GLN A 65 -0.90 5.30 -8.39
C GLN A 65 -1.99 4.57 -9.16
N LEU A 66 -1.78 3.29 -9.52
CA LEU A 66 -2.72 2.58 -10.38
C LEU A 66 -3.23 1.29 -9.79
N PHE A 67 -2.54 0.67 -8.85
CA PHE A 67 -2.92 -0.66 -8.43
C PHE A 67 -3.13 -0.72 -6.94
N PRO A 68 -4.09 -1.51 -6.47
CA PRO A 68 -4.25 -1.72 -5.02
C PRO A 68 -3.00 -2.37 -4.45
N GLU A 69 -2.91 -2.38 -3.13
CA GLU A 69 -1.76 -2.91 -2.45
C GLU A 69 -2.03 -4.22 -1.71
N SER A 70 -3.27 -4.69 -1.74
CA SER A 70 -3.56 -6.03 -1.23
C SER A 70 -2.75 -7.07 -2.02
N PRO A 71 -1.93 -7.88 -1.37
CA PRO A 71 -1.14 -8.88 -2.12
C PRO A 71 -1.98 -10.03 -2.65
N GLU A 72 -3.23 -10.17 -2.22
CA GLU A 72 -4.07 -11.26 -2.69
C GLU A 72 -4.23 -11.21 -4.21
N ASN A 73 -4.17 -10.02 -4.80
CA ASN A 73 -4.22 -9.88 -6.25
C ASN A 73 -3.00 -10.47 -6.93
N GLY A 74 -1.89 -10.64 -6.20
CA GLY A 74 -0.69 -11.22 -6.75
C GLY A 74 0.27 -10.17 -7.26
N PRO A 75 1.25 -10.60 -8.05
CA PRO A 75 2.21 -9.64 -8.63
C PRO A 75 1.54 -8.78 -9.70
N ILE A 76 2.15 -7.61 -9.92
CA ILE A 76 1.71 -6.72 -11.00
C ILE A 76 2.31 -7.21 -12.30
N LEU A 77 1.46 -7.55 -13.27
CA LEU A 77 1.89 -8.18 -14.51
C LEU A 77 1.86 -7.17 -15.65
N GLY A 78 3.03 -6.89 -16.21
CA GLY A 78 3.16 -5.97 -17.33
C GLY A 78 3.51 -6.71 -18.60
N LEU A 79 3.02 -6.21 -19.73
CA LEU A 79 3.32 -6.75 -21.05
C LEU A 79 3.97 -5.65 -21.88
N ASP A 80 5.27 -5.75 -22.10
CA ASP A 80 6.02 -4.77 -22.88
C ASP A 80 6.10 -5.25 -24.32
N VAL A 81 5.27 -4.70 -25.20
CA VAL A 81 5.25 -5.08 -26.60
C VAL A 81 6.32 -4.27 -27.33
N GLY A 82 7.27 -4.98 -27.94
CA GLY A 82 8.33 -4.33 -28.69
C GLY A 82 9.52 -3.91 -27.85
N CYS A 83 10.11 -4.88 -27.15
CA CYS A 83 11.35 -4.67 -26.40
C CYS A 83 12.53 -4.91 -27.34
N ASN A 84 13.04 -3.82 -27.93
CA ASN A 84 14.06 -3.91 -28.97
C ASN A 84 15.29 -4.65 -28.47
N SER A 85 15.98 -4.08 -27.48
CA SER A 85 17.17 -4.69 -26.89
C SER A 85 17.09 -4.65 -25.37
N GLY A 86 15.88 -4.59 -24.82
CA GLY A 86 15.68 -4.57 -23.38
C GLY A 86 16.06 -3.29 -22.68
N ASP A 87 16.69 -2.34 -23.38
CA ASP A 87 17.13 -1.09 -22.76
C ASP A 87 15.95 -0.35 -22.13
N LEU A 88 14.93 -0.04 -22.95
CA LEU A 88 13.80 0.72 -22.44
C LEU A 88 12.98 -0.09 -21.46
N SER A 89 12.92 -1.41 -21.61
CA SER A 89 12.21 -2.24 -20.64
C SER A 89 12.91 -2.21 -19.29
N VAL A 90 14.24 -2.39 -19.29
CA VAL A 90 15.00 -2.30 -18.05
C VAL A 90 14.87 -0.92 -17.43
N ALA A 91 14.86 0.12 -18.26
CA ALA A 91 14.72 1.48 -17.73
C ALA A 91 13.34 1.71 -17.14
N LEU A 92 12.29 1.18 -17.78
CA LEU A 92 10.95 1.28 -17.23
C LEU A 92 10.86 0.55 -15.90
N TYR A 93 11.51 -0.61 -15.79
CA TYR A 93 11.50 -1.34 -14.52
C TYR A 93 12.25 -0.57 -13.43
N LYS A 94 13.42 -0.01 -13.77
CA LYS A 94 14.19 0.76 -12.80
C LYS A 94 13.54 2.09 -12.47
N HIS A 95 12.63 2.58 -13.32
CA HIS A 95 12.05 3.90 -13.13
C HIS A 95 10.87 3.86 -12.17
N PHE A 96 9.98 2.90 -12.31
CA PHE A 96 8.80 2.82 -11.47
C PHE A 96 9.21 2.50 -10.03
N LEU A 97 8.57 3.17 -9.08
CA LEU A 97 8.82 2.94 -7.67
C LEU A 97 7.92 1.81 -7.18
N SER A 98 8.52 0.83 -6.52
CA SER A 98 7.80 -0.36 -6.09
C SER A 98 6.78 0.00 -5.02
N LEU A 99 5.97 -1.00 -4.66
CA LEU A 99 4.92 -0.83 -3.66
C LEU A 99 5.32 -1.37 -2.29
N ALA A 100 6.28 -2.28 -2.24
CA ALA A 100 6.74 -2.98 -1.03
C ALA A 100 5.72 -3.99 -0.51
N SER A 101 4.63 -4.22 -1.23
CA SER A 101 3.68 -5.28 -0.91
C SER A 101 3.52 -6.27 -2.05
N ARG A 102 3.37 -5.79 -3.28
CA ARG A 102 3.40 -6.64 -4.46
C ARG A 102 4.73 -6.48 -5.19
N GLU A 103 4.96 -7.37 -6.16
CA GLU A 103 6.15 -7.32 -6.98
C GLU A 103 5.76 -7.12 -8.44
N PHE A 104 6.62 -6.46 -9.19
CA PHE A 104 6.35 -6.09 -10.58
C PHE A 104 7.07 -7.07 -11.51
N ARG A 105 6.30 -7.97 -12.10
CA ARG A 105 6.81 -8.89 -13.13
C ARG A 105 6.45 -8.34 -14.49
N LEU A 106 7.42 -8.35 -15.40
CA LEU A 106 7.26 -7.76 -16.72
C LEU A 106 7.67 -8.77 -17.79
N LEU A 107 6.71 -9.15 -18.64
CA LEU A 107 6.97 -9.98 -19.81
C LEU A 107 7.16 -9.06 -21.00
N CYS A 108 8.37 -9.05 -21.54
CA CYS A 108 8.68 -8.26 -22.72
C CYS A 108 8.77 -9.17 -23.94
N CYS A 109 8.24 -8.69 -25.07
CA CYS A 109 8.21 -9.47 -26.30
C CYS A 109 8.76 -8.64 -27.45
N ASP A 110 9.40 -9.32 -28.40
CA ASP A 110 9.88 -8.65 -29.60
C ASP A 110 9.90 -9.65 -30.75
N ILE A 111 9.91 -9.12 -31.98
CA ILE A 111 9.83 -9.96 -33.16
C ILE A 111 11.19 -10.46 -33.63
N ASP A 112 12.28 -9.79 -33.28
CA ASP A 112 13.62 -10.19 -33.70
C ASP A 112 14.22 -11.09 -32.63
N PRO A 113 14.45 -12.38 -32.92
CA PRO A 113 14.96 -13.27 -31.86
C PRO A 113 16.37 -12.94 -31.40
N VAL A 114 17.26 -12.56 -32.33
CA VAL A 114 18.61 -12.17 -31.96
C VAL A 114 18.56 -11.03 -30.96
N LEU A 115 17.73 -10.03 -31.22
CA LEU A 115 17.60 -8.89 -30.32
C LEU A 115 17.03 -9.32 -28.98
N VAL A 116 16.08 -10.25 -28.99
CA VAL A 116 15.45 -10.72 -27.75
C VAL A 116 16.49 -11.38 -26.85
N LYS A 117 17.27 -12.31 -27.41
CA LYS A 117 18.23 -12.99 -26.55
C LYS A 117 19.45 -12.14 -26.25
N ARG A 118 19.76 -11.14 -27.06
CA ARG A 118 20.69 -10.11 -26.62
C ARG A 118 20.15 -9.40 -25.37
N ALA A 119 18.90 -8.92 -25.45
CA ALA A 119 18.26 -8.31 -24.27
C ALA A 119 18.32 -9.25 -23.06
N GLU A 120 18.19 -10.55 -23.30
CA GLU A 120 18.31 -11.52 -22.22
C GLU A 120 19.71 -11.49 -21.62
N LYS A 121 20.75 -11.55 -22.46
CA LYS A 121 22.11 -11.56 -21.96
C LYS A 121 22.58 -10.22 -21.41
N GLU A 122 21.83 -9.15 -21.69
CA GLU A 122 22.24 -7.83 -21.28
C GLU A 122 21.41 -7.30 -20.12
N CYS A 123 20.56 -8.15 -19.57
CA CYS A 123 19.52 -7.70 -18.67
C CYS A 123 19.85 -7.87 -17.20
N PRO A 124 19.86 -6.77 -16.47
CA PRO A 124 20.21 -6.79 -15.05
C PRO A 124 19.27 -7.62 -14.19
N PHE A 125 17.97 -7.58 -14.46
CA PHE A 125 17.02 -8.27 -13.60
C PHE A 125 16.43 -9.54 -14.22
N PRO A 126 17.05 -10.68 -13.99
CA PRO A 126 16.58 -11.97 -14.52
C PRO A 126 15.22 -12.48 -14.02
N ASP A 127 14.97 -12.30 -12.72
CA ASP A 127 13.78 -12.76 -12.01
C ASP A 127 12.67 -11.71 -12.01
N ALA A 128 12.76 -10.70 -12.87
CA ALA A 128 11.73 -9.68 -12.93
C ALA A 128 11.26 -9.44 -14.35
N LEU A 129 12.16 -9.62 -15.32
CA LEU A 129 11.86 -9.40 -16.73
C LEU A 129 12.04 -10.71 -17.49
N THR A 130 11.04 -11.07 -18.29
CA THR A 130 11.08 -12.29 -19.10
C THR A 130 10.96 -11.91 -20.57
N PHE A 131 11.99 -12.18 -21.35
CA PHE A 131 12.04 -11.80 -22.75
C PHE A 131 11.62 -12.97 -23.63
N ILE A 132 10.73 -12.70 -24.60
CA ILE A 132 10.28 -13.70 -25.56
C ILE A 132 10.26 -13.09 -26.95
N THR A 133 10.33 -13.98 -27.95
CA THR A 133 10.25 -13.60 -29.36
C THR A 133 8.82 -13.85 -29.83
N LEU A 134 8.13 -12.80 -30.28
CA LEU A 134 6.74 -12.92 -30.65
C LEU A 134 6.39 -11.92 -31.75
N ASP A 135 5.70 -12.40 -32.78
CA ASP A 135 5.06 -11.52 -33.76
C ASP A 135 3.63 -11.30 -33.29
N PHE A 136 3.39 -10.14 -32.67
CA PHE A 136 2.12 -9.87 -32.01
C PHE A 136 0.93 -9.96 -32.96
N MET A 137 1.16 -9.81 -34.27
CA MET A 137 0.10 -9.91 -35.26
C MET A 137 -0.17 -11.35 -35.68
N ASN A 138 0.27 -12.32 -34.91
CA ASN A 138 0.02 -13.73 -35.15
C ASN A 138 -0.82 -14.23 -33.98
N GLN A 139 -2.07 -14.62 -34.27
CA GLN A 139 -2.95 -15.03 -33.18
C GLN A 139 -2.37 -16.20 -32.40
N ARG A 140 -1.98 -17.27 -33.10
CA ARG A 140 -1.57 -18.50 -32.42
C ARG A 140 -0.38 -18.27 -31.50
N THR A 141 0.69 -17.68 -32.04
CA THR A 141 1.89 -17.43 -31.23
C THR A 141 1.56 -16.59 -30.01
N ARG A 142 0.84 -15.48 -30.20
CA ARG A 142 0.52 -14.58 -29.10
C ARG A 142 -0.32 -15.27 -28.04
N LYS A 143 -1.45 -15.88 -28.45
CA LYS A 143 -2.30 -16.59 -27.50
C LYS A 143 -1.50 -17.59 -26.69
N VAL A 144 -0.71 -18.43 -27.38
CA VAL A 144 -0.04 -19.53 -26.70
C VAL A 144 1.00 -18.99 -25.72
N LEU A 145 1.87 -18.08 -26.17
CA LEU A 145 2.94 -17.61 -25.29
C LEU A 145 2.40 -16.77 -24.15
N LEU A 146 1.41 -15.91 -24.42
CA LEU A 146 0.89 -15.04 -23.37
C LEU A 146 0.08 -15.82 -22.34
N SER A 147 -0.60 -16.89 -22.75
CA SER A 147 -1.26 -17.74 -21.78
C SER A 147 -0.26 -18.62 -21.03
N SER A 148 0.86 -18.99 -21.68
CA SER A 148 1.91 -19.70 -20.98
C SER A 148 2.52 -18.84 -19.88
N PHE A 149 2.68 -17.54 -20.14
CA PHE A 149 3.28 -16.66 -19.15
C PHE A 149 2.31 -16.34 -18.02
N LEU A 150 1.05 -16.06 -18.33
CA LEU A 150 0.10 -15.64 -17.31
C LEU A 150 -0.45 -16.80 -16.50
N SER A 151 -0.30 -18.04 -16.98
CA SER A 151 -0.72 -19.19 -16.17
C SER A 151 0.10 -19.29 -14.90
N GLN A 152 1.29 -18.71 -14.87
CA GLN A 152 2.16 -18.78 -13.70
C GLN A 152 1.63 -18.01 -12.50
N PHE A 153 0.60 -17.17 -12.69
CA PHE A 153 0.05 -16.39 -11.59
C PHE A 153 -1.47 -16.39 -11.57
N GLY A 154 -2.13 -17.29 -12.30
CA GLY A 154 -3.56 -17.20 -12.52
C GLY A 154 -3.83 -16.30 -13.71
N ARG A 155 -4.23 -15.05 -13.43
CA ARG A 155 -4.06 -13.93 -14.34
C ARG A 155 -4.60 -14.22 -15.76
N SER A 156 -5.92 -14.30 -15.83
CA SER A 156 -6.59 -14.40 -17.14
C SER A 156 -6.05 -13.37 -18.13
N VAL A 157 -5.75 -12.15 -17.67
CA VAL A 157 -5.21 -11.08 -18.50
C VAL A 157 -4.11 -10.35 -17.75
N PHE A 158 -3.50 -9.37 -18.41
CA PHE A 158 -2.37 -8.62 -17.88
C PHE A 158 -2.85 -7.48 -16.97
N ASP A 159 -1.91 -6.89 -16.24
CA ASP A 159 -2.21 -5.74 -15.39
C ASP A 159 -1.96 -4.42 -16.13
N ILE A 160 -0.77 -4.23 -16.69
CA ILE A 160 -0.44 -3.01 -17.41
C ILE A 160 0.36 -3.37 -18.66
N GLY A 161 0.01 -2.74 -19.78
CA GLY A 161 0.70 -2.93 -21.04
C GLY A 161 1.52 -1.72 -21.41
N PHE A 162 2.62 -1.95 -22.12
CA PHE A 162 3.53 -0.90 -22.56
C PHE A 162 3.70 -1.02 -24.07
N CYS A 163 3.35 0.06 -24.77
CA CYS A 163 3.26 0.13 -26.22
C CYS A 163 4.13 1.27 -26.72
N MET A 164 5.38 1.24 -26.31
CA MET A 164 6.31 2.35 -26.55
C MET A 164 6.87 2.25 -27.97
N SER A 165 6.45 3.18 -28.84
CA SER A 165 7.04 3.37 -30.16
C SER A 165 6.98 2.09 -31.00
N ILE A 166 5.79 1.49 -31.05
CA ILE A 166 5.58 0.28 -31.84
C ILE A 166 4.37 0.52 -32.74
N THR A 167 3.59 1.56 -32.42
CA THR A 167 2.38 1.86 -33.18
C THR A 167 2.67 2.06 -34.65
N MET A 168 3.70 2.85 -34.97
CA MET A 168 4.01 3.15 -36.37
C MET A 168 4.44 1.92 -37.12
N TRP A 169 5.12 0.98 -36.47
CA TRP A 169 5.60 -0.20 -37.18
C TRP A 169 4.47 -1.18 -37.46
N ILE A 170 3.62 -1.43 -36.46
CA ILE A 170 2.39 -2.20 -36.71
C ILE A 170 1.59 -1.58 -37.83
N HIS A 171 1.48 -0.24 -37.82
CA HIS A 171 0.76 0.46 -38.87
C HIS A 171 1.37 0.20 -40.24
N LEU A 172 2.67 0.48 -40.39
CA LEU A 172 3.32 0.33 -41.70
C LEU A 172 3.30 -1.11 -42.18
N ASN A 173 3.31 -2.08 -41.27
CA ASN A 173 3.39 -3.48 -41.68
C ASN A 173 2.02 -4.13 -41.91
N HIS A 174 0.94 -3.59 -41.34
CA HIS A 174 -0.35 -4.24 -41.53
C HIS A 174 -1.51 -3.27 -41.80
N GLY A 175 -1.23 -2.06 -42.27
CA GLY A 175 -2.29 -1.14 -42.60
C GLY A 175 -3.10 -0.67 -41.39
N ASP A 176 -4.11 0.13 -41.71
CA ASP A 176 -5.03 0.64 -40.69
C ASP A 176 -5.72 -0.52 -39.97
N HIS A 177 -6.03 -1.59 -40.69
CA HIS A 177 -6.71 -2.71 -40.06
C HIS A 177 -5.81 -3.43 -39.07
N GLY A 178 -4.50 -3.52 -39.35
CA GLY A 178 -3.59 -4.12 -38.40
C GLY A 178 -3.38 -3.24 -37.19
N LEU A 179 -3.31 -1.92 -37.39
CA LEU A 179 -3.25 -1.03 -36.24
C LEU A 179 -4.49 -1.17 -35.36
N TRP A 180 -5.67 -1.23 -35.99
CA TRP A 180 -6.92 -1.41 -35.26
C TRP A 180 -6.92 -2.73 -34.49
N GLU A 181 -6.51 -3.82 -35.14
CA GLU A 181 -6.51 -5.13 -34.50
C GLU A 181 -5.50 -5.19 -33.36
N PHE A 182 -4.33 -4.57 -33.55
CA PHE A 182 -3.31 -4.51 -32.51
C PHE A 182 -3.84 -3.77 -31.28
N LEU A 183 -4.43 -2.59 -31.50
CA LEU A 183 -4.99 -1.84 -30.38
C LEU A 183 -6.13 -2.60 -29.71
N ALA A 184 -6.91 -3.33 -30.50
CA ALA A 184 -8.02 -4.11 -29.93
C ALA A 184 -7.50 -5.23 -29.03
N HIS A 185 -6.51 -5.97 -29.52
CA HIS A 185 -5.93 -7.06 -28.72
C HIS A 185 -5.31 -6.52 -27.44
N LEU A 186 -4.62 -5.37 -27.52
CA LEU A 186 -4.02 -4.82 -26.32
C LEU A 186 -5.05 -4.24 -25.37
N SER A 187 -6.18 -3.74 -25.90
CA SER A 187 -7.24 -3.24 -25.03
C SER A 187 -7.94 -4.38 -24.30
N SER A 188 -8.18 -5.49 -24.99
CA SER A 188 -8.79 -6.65 -24.38
C SER A 188 -7.78 -7.56 -23.69
N LEU A 189 -6.51 -7.15 -23.64
CA LEU A 189 -5.47 -7.93 -22.99
C LEU A 189 -4.88 -7.25 -21.76
N CYS A 190 -5.13 -5.97 -21.55
CA CYS A 190 -4.54 -5.22 -20.45
C CYS A 190 -5.59 -4.39 -19.74
N HIS A 191 -5.38 -4.21 -18.43
CA HIS A 191 -6.22 -3.28 -17.67
C HIS A 191 -5.83 -1.84 -17.98
N TYR A 192 -4.56 -1.50 -17.78
CA TYR A 192 -4.01 -0.20 -18.14
C TYR A 192 -3.10 -0.36 -19.36
N LEU A 193 -2.93 0.73 -20.10
CA LEU A 193 -2.16 0.72 -21.34
C LEU A 193 -1.42 2.04 -21.49
N LEU A 194 -0.09 1.97 -21.54
CA LEU A 194 0.76 3.13 -21.73
C LEU A 194 1.30 3.10 -23.16
N VAL A 195 0.67 3.86 -24.05
CA VAL A 195 1.02 3.87 -25.47
C VAL A 195 1.88 5.09 -25.75
N GLU A 196 2.90 4.92 -26.59
CA GLU A 196 3.72 6.02 -27.11
C GLU A 196 3.56 6.02 -28.63
N PRO A 197 2.57 6.74 -29.16
CA PRO A 197 2.37 6.76 -30.61
C PRO A 197 3.42 7.61 -31.30
N GLN A 198 4.00 7.08 -32.36
CA GLN A 198 4.92 7.90 -33.13
C GLN A 198 4.13 8.84 -34.03
N PRO A 199 4.52 10.11 -34.11
CA PRO A 199 3.77 11.08 -34.92
C PRO A 199 3.90 10.77 -36.41
N TRP A 200 3.11 11.50 -37.21
CA TRP A 200 3.18 11.35 -38.65
C TRP A 200 4.53 11.77 -39.21
N LYS A 201 5.31 12.56 -38.46
CA LYS A 201 6.62 12.97 -38.91
C LYS A 201 7.53 11.76 -39.17
N CYS A 202 7.56 10.82 -38.21
CA CYS A 202 8.39 9.64 -38.36
C CYS A 202 7.94 8.74 -39.49
N TYR A 203 6.67 8.82 -39.88
CA TYR A 203 6.16 7.97 -40.95
C TYR A 203 6.90 8.23 -42.27
N ARG A 204 7.12 9.50 -42.61
CA ARG A 204 7.81 9.82 -43.85
C ARG A 204 9.22 9.26 -43.86
N ALA A 205 9.98 9.49 -42.78
CA ALA A 205 11.35 9.01 -42.72
C ALA A 205 11.40 7.49 -42.78
N ALA A 206 10.53 6.81 -42.02
CA ALA A 206 10.55 5.36 -42.03
C ALA A 206 10.15 4.79 -43.40
N ALA A 207 9.15 5.40 -44.04
CA ALA A 207 8.73 4.91 -45.34
C ALA A 207 9.81 5.12 -46.39
N ARG A 208 10.52 6.26 -46.34
CA ARG A 208 11.63 6.46 -47.27
C ARG A 208 12.74 5.44 -47.01
N ARG A 209 13.10 5.26 -45.73
CA ARG A 209 14.16 4.32 -45.38
C ARG A 209 13.81 2.90 -45.78
N LEU A 210 12.52 2.56 -45.80
CA LEU A 210 12.10 1.22 -46.19
C LEU A 210 11.98 1.08 -47.71
N ARG A 211 11.48 2.09 -48.40
CA ARG A 211 11.35 2.03 -49.85
C ARG A 211 12.73 1.97 -50.51
N LYS A 212 13.64 2.85 -50.09
CA LYS A 212 14.97 2.86 -50.69
C LYS A 212 15.77 1.61 -50.36
N LEU A 213 15.54 1.02 -49.19
CA LEU A 213 16.25 -0.19 -48.79
C LEU A 213 15.54 -1.44 -49.28
N GLY A 214 15.18 -1.45 -50.57
CA GLY A 214 14.54 -2.58 -51.22
C GLY A 214 13.43 -3.26 -50.44
N LEU A 215 12.77 -2.52 -49.55
CA LEU A 215 11.80 -3.13 -48.63
C LEU A 215 10.47 -2.40 -48.64
N HIS A 216 10.06 -1.87 -49.81
CA HIS A 216 8.73 -1.28 -49.91
C HIS A 216 7.63 -2.32 -49.82
N ASP A 217 7.97 -3.59 -49.62
CA ASP A 217 6.96 -4.63 -49.38
C ASP A 217 6.29 -4.45 -48.03
N PHE A 218 7.06 -4.10 -47.00
CA PHE A 218 6.52 -3.90 -45.66
C PHE A 218 6.13 -2.45 -45.43
N ASP A 219 5.33 -1.89 -46.34
CA ASP A 219 5.00 -0.48 -46.29
C ASP A 219 3.66 -0.27 -46.98
N HIS A 220 2.70 0.30 -46.24
CA HIS A 220 1.38 0.61 -46.79
C HIS A 220 1.10 2.11 -46.71
N PHE A 221 2.13 2.92 -46.83
CA PHE A 221 2.03 4.32 -46.53
C PHE A 221 0.95 4.93 -47.40
N HIS A 222 0.87 4.50 -48.65
CA HIS A 222 -0.15 5.00 -49.56
C HIS A 222 -1.56 4.72 -49.06
N SER A 223 -1.81 3.47 -48.65
CA SER A 223 -3.16 3.01 -48.32
C SER A 223 -3.55 3.26 -46.87
N LEU A 224 -2.82 4.11 -46.16
CA LEU A 224 -3.17 4.45 -44.77
C LEU A 224 -4.13 5.63 -44.78
N ALA A 225 -5.34 5.40 -44.27
CA ALA A 225 -6.33 6.46 -44.15
C ALA A 225 -6.31 7.13 -42.78
N ILE A 226 -5.77 6.44 -41.79
CA ILE A 226 -5.60 7.03 -40.47
C ILE A 226 -4.29 7.78 -40.54
N ARG A 227 -4.35 9.09 -40.31
CA ARG A 227 -3.20 9.95 -40.51
C ARG A 227 -3.25 11.24 -39.70
N GLY A 228 -2.10 11.92 -39.68
CA GLY A 228 -1.94 13.23 -39.09
C GLY A 228 -1.84 13.38 -37.59
N ASP A 229 -2.83 12.92 -36.83
CA ASP A 229 -2.79 13.14 -35.39
C ASP A 229 -2.76 11.80 -34.66
N MET A 230 -1.83 10.93 -35.05
CA MET A 230 -1.63 9.58 -34.51
C MET A 230 -1.91 9.46 -33.02
N PRO A 231 -1.47 10.39 -32.16
CA PRO A 231 -1.93 10.32 -30.76
C PRO A 231 -3.44 10.38 -30.63
N ASN A 232 -4.08 11.38 -31.26
CA ASN A 232 -5.54 11.49 -31.14
C ASN A 232 -6.24 10.39 -31.93
N GLN A 233 -5.65 9.91 -33.01
CA GLN A 233 -6.25 8.79 -33.73
C GLN A 233 -6.25 7.53 -32.88
N ILE A 234 -5.13 7.26 -32.19
CA ILE A 234 -5.07 6.14 -31.26
C ILE A 234 -6.06 6.33 -30.12
N VAL A 235 -6.20 7.58 -29.66
CA VAL A 235 -7.17 7.87 -28.59
C VAL A 235 -8.58 7.54 -29.06
N GLN A 236 -8.96 8.01 -30.25
CA GLN A 236 -10.30 7.77 -30.76
C GLN A 236 -10.55 6.29 -30.99
N ILE A 237 -9.54 5.56 -31.46
CA ILE A 237 -9.74 4.13 -31.71
C ILE A 237 -9.87 3.36 -30.40
N LEU A 238 -9.04 3.68 -29.40
CA LEU A 238 -9.13 2.99 -28.13
C LEU A 238 -10.31 3.46 -27.28
N THR A 239 -10.92 4.59 -27.62
CA THR A 239 -12.05 5.12 -26.88
C THR A 239 -13.39 4.69 -27.48
N GLN A 240 -13.62 5.02 -28.75
CA GLN A 240 -14.92 4.72 -29.37
C GLN A 240 -15.09 3.23 -29.61
N ASP A 241 -14.01 2.52 -29.93
CA ASP A 241 -14.11 1.16 -30.42
C ASP A 241 -13.75 0.09 -29.39
N HIS A 242 -12.80 0.36 -28.50
CA HIS A 242 -12.22 -0.69 -27.67
C HIS A 242 -12.48 -0.51 -26.18
N GLY A 243 -13.48 0.28 -25.82
CA GLY A 243 -13.91 0.36 -24.43
C GLY A 243 -12.85 0.78 -23.45
N MET A 244 -11.92 1.65 -23.86
CA MET A 244 -10.93 2.21 -22.97
C MET A 244 -11.12 3.72 -22.88
N GLU A 245 -10.76 4.28 -21.74
CA GLU A 245 -10.83 5.72 -21.52
C GLU A 245 -9.44 6.25 -21.20
N LEU A 246 -9.11 7.39 -21.81
CA LEU A 246 -7.83 8.06 -21.58
C LEU A 246 -7.86 8.74 -20.21
N ILE A 247 -7.02 8.28 -19.29
CA ILE A 247 -7.00 8.81 -17.93
C ILE A 247 -5.75 9.64 -17.64
N CYS A 248 -4.73 9.58 -18.48
CA CYS A 248 -3.50 10.31 -18.23
C CYS A 248 -2.78 10.55 -19.55
N CYS A 249 -1.94 11.59 -19.55
CA CYS A 249 -1.04 11.85 -20.65
C CYS A 249 0.08 12.75 -20.14
N PHE A 250 1.32 12.42 -20.51
CA PHE A 250 2.50 13.15 -20.08
C PHE A 250 3.24 13.60 -21.33
N GLY A 251 3.08 14.87 -21.69
CA GLY A 251 3.53 15.40 -22.95
C GLY A 251 2.39 15.96 -23.77
N ASN A 252 2.77 16.66 -24.84
CA ASN A 252 1.80 17.25 -25.76
C ASN A 252 1.65 16.37 -26.98
N THR A 253 0.42 16.29 -27.51
CA THR A 253 0.18 15.49 -28.71
C THR A 253 0.96 16.03 -29.91
N SER A 254 1.27 17.33 -29.90
CA SER A 254 2.03 17.97 -30.96
C SER A 254 3.51 18.12 -30.60
N TRP A 255 3.99 17.34 -29.65
CA TRP A 255 5.37 17.44 -29.18
C TRP A 255 6.25 16.44 -29.91
N ASP A 256 7.48 16.27 -29.42
CA ASP A 256 8.37 15.25 -29.96
C ASP A 256 7.73 13.87 -29.85
N ARG A 257 7.47 13.43 -28.62
CA ARG A 257 6.80 12.17 -28.35
C ARG A 257 5.96 12.32 -27.10
N SER A 258 4.72 11.82 -27.15
CA SER A 258 3.80 11.94 -26.04
C SER A 258 3.41 10.56 -25.52
N LEU A 259 3.25 10.44 -24.21
CA LEU A 259 2.85 9.21 -23.56
C LEU A 259 1.38 9.31 -23.15
N LEU A 260 0.60 8.27 -23.46
CA LEU A 260 -0.83 8.30 -23.28
C LEU A 260 -1.27 7.07 -22.50
N LEU A 261 -1.98 7.28 -21.40
CA LEU A 261 -2.40 6.21 -20.50
C LEU A 261 -3.90 5.98 -20.61
N PHE A 262 -4.28 4.77 -21.00
CA PHE A 262 -5.67 4.35 -21.11
C PHE A 262 -5.98 3.31 -20.04
N ARG A 263 -7.27 3.17 -19.74
CA ARG A 263 -7.73 2.14 -18.82
C ARG A 263 -9.02 1.53 -19.37
N ALA A 264 -9.13 0.20 -19.25
CA ALA A 264 -10.31 -0.51 -19.71
C ALA A 264 -11.52 -0.18 -18.84
N ALA B 37 -23.48 32.94 -0.09
CA ALA B 37 -22.13 32.71 -0.59
C ALA B 37 -22.14 32.48 -2.09
N PRO B 38 -22.32 33.55 -2.87
CA PRO B 38 -22.49 33.39 -4.32
C PRO B 38 -21.20 33.05 -5.05
N PHE B 39 -20.06 33.56 -4.59
CA PHE B 39 -18.80 33.30 -5.28
C PHE B 39 -18.29 31.89 -5.10
N GLY B 40 -19.08 30.99 -4.50
CA GLY B 40 -18.61 29.66 -4.20
C GLY B 40 -17.83 29.57 -2.91
N ASN B 41 -17.96 30.55 -2.02
CA ASN B 41 -17.18 30.60 -0.78
C ASN B 41 -17.93 29.88 0.34
N PHE B 42 -18.04 28.57 0.18
CA PHE B 42 -18.69 27.74 1.18
C PHE B 42 -17.67 27.30 2.21
N PRO B 43 -17.86 27.57 3.50
CA PRO B 43 -16.81 27.32 4.48
C PRO B 43 -16.53 25.82 4.63
N HIS B 44 -15.26 25.50 4.82
CA HIS B 44 -14.78 24.12 4.95
C HIS B 44 -15.29 23.28 3.77
N TYR B 45 -14.88 23.71 2.58
CA TYR B 45 -15.33 23.13 1.31
C TYR B 45 -14.66 21.80 1.05
N SER B 46 -13.51 21.55 1.68
CA SER B 46 -12.96 20.20 1.70
C SER B 46 -13.89 19.16 2.36
N ARG B 47 -14.63 19.58 3.39
CA ARG B 47 -15.43 18.60 4.11
C ARG B 47 -16.39 17.94 3.14
N PHE B 48 -17.02 18.73 2.27
CA PHE B 48 -17.84 18.17 1.20
C PHE B 48 -17.02 17.40 0.16
N HIS B 49 -15.88 17.97 -0.23
CA HIS B 49 -15.04 17.39 -1.28
C HIS B 49 -13.64 17.12 -0.75
N PRO B 50 -13.25 15.86 -0.66
CA PRO B 50 -11.97 15.53 -0.04
C PRO B 50 -10.82 16.09 -0.85
N PRO B 51 -9.85 16.73 -0.20
CA PRO B 51 -8.60 17.15 -0.84
C PRO B 51 -7.63 16.03 -1.24
N GLU B 52 -7.42 15.06 -0.36
CA GLU B 52 -6.39 14.05 -0.57
C GLU B 52 -6.58 13.25 -1.85
N GLN B 53 -7.83 12.91 -2.14
CA GLN B 53 -8.16 12.05 -3.27
C GLN B 53 -7.83 12.62 -4.65
N ARG B 54 -8.05 13.92 -4.85
CA ARG B 54 -8.04 14.47 -6.21
C ARG B 54 -6.60 14.70 -6.66
N LEU B 55 -5.70 14.36 -5.76
CA LEU B 55 -4.27 14.47 -5.97
C LEU B 55 -3.64 13.11 -6.18
N ARG B 56 -4.47 12.08 -6.36
CA ARG B 56 -3.93 10.74 -6.54
C ARG B 56 -3.00 10.68 -7.74
N LEU B 57 -3.53 10.95 -8.93
CA LEU B 57 -2.71 10.93 -10.13
C LEU B 57 -1.95 12.24 -10.33
N LEU B 58 -1.99 13.12 -9.35
CA LEU B 58 -1.05 14.24 -9.29
C LEU B 58 0.32 13.71 -8.89
N PRO B 59 1.33 13.78 -9.75
CA PRO B 59 2.63 13.23 -9.41
C PRO B 59 3.33 14.06 -8.35
N PRO B 60 3.81 13.44 -7.27
CA PRO B 60 4.58 14.20 -6.27
C PRO B 60 5.88 14.78 -6.81
N GLU B 61 6.47 14.15 -7.83
CA GLU B 61 7.72 14.64 -8.41
C GLU B 61 7.51 15.81 -9.35
N LEU B 62 6.29 16.36 -9.43
CA LEU B 62 5.98 17.39 -10.41
C LEU B 62 6.96 18.55 -10.32
N LEU B 63 7.10 19.13 -9.13
CA LEU B 63 8.10 20.17 -8.93
C LEU B 63 9.48 19.71 -9.41
N ARG B 64 9.91 18.53 -8.94
CA ARG B 64 11.19 17.98 -9.36
C ARG B 64 11.25 17.82 -10.88
N GLN B 65 10.12 17.47 -11.50
CA GLN B 65 10.10 17.30 -12.95
C GLN B 65 9.97 18.62 -13.71
N LEU B 66 9.54 19.69 -13.03
CA LEU B 66 9.21 20.94 -13.73
C LEU B 66 10.26 22.02 -13.56
N PHE B 67 10.84 22.15 -12.37
CA PHE B 67 11.72 23.28 -12.11
C PHE B 67 13.14 22.80 -11.88
N PRO B 68 14.12 23.47 -12.49
CA PRO B 68 15.51 22.99 -12.40
C PRO B 68 16.02 22.99 -10.98
N GLU B 69 16.97 22.09 -10.72
CA GLU B 69 17.59 21.94 -9.41
C GLU B 69 18.68 22.99 -9.21
N SER B 70 18.27 24.26 -9.28
CA SER B 70 19.27 25.32 -9.21
C SER B 70 18.74 26.53 -8.44
N PRO B 71 19.48 26.98 -7.43
CA PRO B 71 19.26 28.31 -6.86
C PRO B 71 19.59 29.40 -7.87
N GLU B 72 19.80 30.63 -7.41
CA GLU B 72 20.05 31.82 -8.21
C GLU B 72 18.76 32.30 -8.82
N ASN B 73 17.65 31.59 -8.61
CA ASN B 73 16.33 32.01 -9.01
C ASN B 73 15.38 32.12 -7.82
N GLY B 74 15.84 31.76 -6.63
CA GLY B 74 15.03 31.83 -5.43
C GLY B 74 14.16 30.62 -5.25
N PRO B 75 13.18 30.72 -4.36
CA PRO B 75 12.25 29.60 -4.15
C PRO B 75 11.26 29.47 -5.28
N ILE B 76 10.64 28.30 -5.36
CA ILE B 76 9.56 28.06 -6.32
C ILE B 76 8.29 28.71 -5.78
N LEU B 77 7.72 29.63 -6.54
CA LEU B 77 6.57 30.41 -6.11
C LEU B 77 5.30 29.87 -6.74
N GLY B 78 4.31 29.58 -5.91
CA GLY B 78 3.01 29.12 -6.36
C GLY B 78 1.94 30.14 -5.99
N LEU B 79 0.94 30.27 -6.87
CA LEU B 79 -0.20 31.14 -6.63
C LEU B 79 -1.44 30.26 -6.61
N ASP B 80 -2.08 30.16 -5.45
CA ASP B 80 -3.26 29.31 -5.26
C ASP B 80 -4.49 30.20 -5.26
N VAL B 81 -5.24 30.16 -6.36
CA VAL B 81 -6.42 31.02 -6.51
C VAL B 81 -7.64 30.27 -6.00
N GLY B 82 -8.27 30.81 -4.96
CA GLY B 82 -9.48 30.22 -4.43
C GLY B 82 -9.25 29.24 -3.30
N CYS B 83 -8.39 29.58 -2.35
CA CYS B 83 -8.13 28.73 -1.18
C CYS B 83 -9.28 28.92 -0.21
N ASN B 84 -10.23 27.98 -0.22
CA ASN B 84 -11.42 28.10 0.60
C ASN B 84 -11.07 28.17 2.09
N SER B 85 -10.50 27.09 2.63
CA SER B 85 -10.04 27.08 4.00
C SER B 85 -8.59 26.62 4.09
N GLY B 86 -7.83 26.76 3.02
CA GLY B 86 -6.44 26.34 2.98
C GLY B 86 -6.22 24.85 2.98
N ASP B 87 -7.28 24.04 2.94
CA ASP B 87 -7.11 22.60 3.06
C ASP B 87 -6.47 22.01 1.81
N LEU B 88 -6.97 22.38 0.64
CA LEU B 88 -6.32 21.90 -0.58
C LEU B 88 -4.95 22.55 -0.76
N SER B 89 -4.75 23.75 -0.21
CA SER B 89 -3.44 24.38 -0.27
C SER B 89 -2.41 23.56 0.50
N VAL B 90 -2.72 23.19 1.75
CA VAL B 90 -1.79 22.37 2.51
C VAL B 90 -1.73 20.95 1.94
N ALA B 91 -2.79 20.49 1.29
CA ALA B 91 -2.77 19.19 0.65
C ALA B 91 -1.78 19.18 -0.51
N LEU B 92 -1.75 20.26 -1.29
CA LEU B 92 -0.77 20.39 -2.36
C LEU B 92 0.63 20.53 -1.79
N TYR B 93 0.80 21.36 -0.75
CA TYR B 93 2.11 21.53 -0.14
C TYR B 93 2.60 20.23 0.47
N LYS B 94 1.71 19.47 1.11
CA LYS B 94 2.09 18.18 1.67
C LYS B 94 2.31 17.12 0.61
N HIS B 95 1.88 17.37 -0.63
CA HIS B 95 1.90 16.35 -1.67
C HIS B 95 3.23 16.34 -2.43
N PHE B 96 3.62 17.48 -2.98
CA PHE B 96 4.82 17.54 -3.81
C PHE B 96 6.07 17.34 -2.96
N LEU B 97 7.01 16.56 -3.50
CA LEU B 97 8.27 16.31 -2.81
C LEU B 97 9.18 17.53 -2.95
N SER B 98 9.77 17.94 -1.83
CA SER B 98 10.63 19.12 -1.84
C SER B 98 11.84 18.90 -2.75
N LEU B 99 12.29 19.99 -3.37
CA LEU B 99 13.36 19.89 -4.36
C LEU B 99 14.73 19.67 -3.73
N ALA B 100 14.89 19.97 -2.45
CA ALA B 100 16.12 19.83 -1.67
C ALA B 100 17.20 20.84 -2.06
N SER B 101 16.97 21.60 -3.12
CA SER B 101 17.89 22.68 -3.49
C SER B 101 17.20 24.02 -3.41
N ARG B 102 15.89 24.00 -3.63
CA ARG B 102 15.04 25.17 -3.69
C ARG B 102 13.84 24.87 -2.85
N GLU B 103 13.22 25.88 -2.26
CA GLU B 103 12.08 25.65 -1.39
C GLU B 103 10.81 26.26 -1.96
N PHE B 104 9.66 25.76 -1.53
CA PHE B 104 8.42 26.06 -2.22
C PHE B 104 7.57 26.98 -1.36
N ARG B 105 7.33 28.19 -1.84
CA ARG B 105 6.50 29.18 -1.16
C ARG B 105 5.19 29.33 -1.94
N LEU B 106 4.07 29.34 -1.22
CA LEU B 106 2.75 29.35 -1.84
C LEU B 106 1.94 30.52 -1.31
N LEU B 107 1.57 31.44 -2.21
CA LEU B 107 0.67 32.54 -1.89
C LEU B 107 -0.75 32.12 -2.22
N CYS B 108 -1.56 31.92 -1.20
CA CYS B 108 -2.95 31.50 -1.35
C CYS B 108 -3.86 32.72 -1.18
N CYS B 109 -4.78 32.91 -2.12
CA CYS B 109 -5.66 34.07 -2.13
C CYS B 109 -7.12 33.64 -2.23
N ASP B 110 -7.99 34.39 -1.56
CA ASP B 110 -9.42 34.13 -1.70
C ASP B 110 -10.20 35.44 -1.54
N ILE B 111 -11.37 35.48 -2.17
CA ILE B 111 -12.18 36.70 -2.19
C ILE B 111 -12.77 36.97 -0.83
N ASP B 112 -13.09 35.94 -0.05
CA ASP B 112 -13.86 36.14 1.17
C ASP B 112 -12.90 36.28 2.34
N PRO B 113 -12.98 37.36 3.10
CA PRO B 113 -12.11 37.47 4.27
C PRO B 113 -12.34 36.42 5.34
N VAL B 114 -13.59 36.07 5.68
CA VAL B 114 -13.75 35.16 6.79
C VAL B 114 -13.01 33.86 6.49
N LEU B 115 -13.06 33.41 5.23
CA LEU B 115 -12.42 32.16 4.84
C LEU B 115 -10.90 32.25 4.93
N VAL B 116 -10.30 33.33 4.43
CA VAL B 116 -8.85 33.44 4.42
C VAL B 116 -8.30 33.63 5.84
N LYS B 117 -9.01 34.38 6.70
CA LYS B 117 -8.56 34.49 8.08
C LYS B 117 -8.62 33.15 8.79
N ARG B 118 -9.78 32.47 8.71
CA ARG B 118 -9.96 31.18 9.33
C ARG B 118 -8.98 30.15 8.76
N ALA B 119 -8.60 30.30 7.50
CA ALA B 119 -7.60 29.42 6.91
C ALA B 119 -6.21 29.71 7.45
N GLU B 120 -5.86 30.99 7.58
CA GLU B 120 -4.52 31.35 8.03
C GLU B 120 -4.26 30.84 9.44
N LYS B 121 -5.25 30.91 10.32
CA LYS B 121 -4.99 30.58 11.73
C LYS B 121 -4.82 29.08 11.96
N GLU B 122 -5.60 28.24 11.27
CA GLU B 122 -5.48 26.80 11.42
C GLU B 122 -4.63 26.19 10.31
N CYS B 123 -3.60 26.90 9.87
CA CYS B 123 -2.77 26.46 8.75
C CYS B 123 -1.39 26.03 9.25
N PRO B 124 -0.95 24.81 8.97
CA PRO B 124 0.44 24.43 9.26
C PRO B 124 1.39 25.03 8.22
N PHE B 125 2.69 24.96 8.53
CA PHE B 125 3.74 25.58 7.72
C PHE B 125 3.48 27.07 7.60
N PRO B 126 3.64 27.84 8.69
CA PRO B 126 3.34 29.27 8.61
C PRO B 126 4.35 30.04 7.77
N ASP B 127 5.60 29.63 7.74
CA ASP B 127 6.62 30.30 6.95
C ASP B 127 6.60 29.90 5.49
N ALA B 128 5.66 29.07 5.06
CA ALA B 128 5.57 28.60 3.69
C ALA B 128 4.35 29.12 2.94
N LEU B 129 3.19 29.13 3.58
CA LEU B 129 1.95 29.55 2.94
C LEU B 129 1.56 30.93 3.44
N THR B 130 1.33 31.86 2.52
CA THR B 130 0.93 33.23 2.83
C THR B 130 -0.49 33.45 2.33
N PHE B 131 -1.42 33.77 3.23
CA PHE B 131 -2.83 33.85 2.91
C PHE B 131 -3.28 35.30 2.80
N ILE B 132 -4.05 35.60 1.75
CA ILE B 132 -4.50 36.96 1.50
C ILE B 132 -5.96 36.98 1.01
N THR B 133 -6.63 38.10 1.29
CA THR B 133 -7.95 38.38 0.76
C THR B 133 -7.80 39.16 -0.54
N LEU B 134 -8.35 38.62 -1.62
CA LEU B 134 -8.21 39.26 -2.93
C LEU B 134 -9.32 38.79 -3.85
N ASP B 135 -9.99 39.75 -4.50
CA ASP B 135 -10.89 39.46 -5.59
C ASP B 135 -10.06 39.45 -6.87
N PHE B 136 -9.90 38.27 -7.48
CA PHE B 136 -8.99 38.09 -8.60
C PHE B 136 -9.43 38.85 -9.84
N MET B 137 -10.58 39.52 -9.79
CA MET B 137 -11.21 40.10 -10.96
C MET B 137 -11.23 41.62 -10.94
N ASN B 138 -10.27 42.25 -10.26
CA ASN B 138 -10.04 43.68 -10.41
C ASN B 138 -8.55 43.93 -10.59
N GLN B 139 -8.20 44.75 -11.58
CA GLN B 139 -6.80 44.94 -11.94
C GLN B 139 -6.00 45.56 -10.81
N ARG B 140 -6.57 46.56 -10.14
CA ARG B 140 -5.80 47.34 -9.16
C ARG B 140 -5.41 46.48 -7.95
N THR B 141 -6.40 45.85 -7.32
CA THR B 141 -6.13 45.04 -6.14
C THR B 141 -5.19 43.88 -6.47
N ARG B 142 -5.51 43.16 -7.55
CA ARG B 142 -4.69 42.03 -7.97
C ARG B 142 -3.24 42.46 -8.20
N LYS B 143 -3.05 43.54 -8.96
CA LYS B 143 -1.71 44.03 -9.23
C LYS B 143 -0.97 44.37 -7.93
N VAL B 144 -1.56 45.25 -7.11
CA VAL B 144 -0.83 45.77 -5.96
C VAL B 144 -0.69 44.76 -4.84
N LEU B 145 -1.38 43.63 -4.90
CA LEU B 145 -1.13 42.57 -3.92
C LEU B 145 -0.19 41.50 -4.44
N LEU B 146 -0.43 40.98 -5.65
CA LEU B 146 0.44 39.95 -6.20
C LEU B 146 1.85 40.48 -6.46
N SER B 147 1.96 41.68 -7.03
CA SER B 147 3.29 42.25 -7.25
C SER B 147 3.99 42.54 -5.93
N SER B 148 3.23 42.96 -4.92
CA SER B 148 3.84 43.21 -3.61
C SER B 148 4.38 41.92 -3.00
N PHE B 149 3.66 40.81 -3.17
CA PHE B 149 4.18 39.52 -2.73
C PHE B 149 5.44 39.15 -3.50
N LEU B 150 5.34 39.15 -4.84
CA LEU B 150 6.45 38.69 -5.68
C LEU B 150 7.68 39.57 -5.55
N SER B 151 7.53 40.83 -5.13
CA SER B 151 8.68 41.71 -5.02
C SER B 151 9.64 41.27 -3.92
N GLN B 152 9.14 40.54 -2.92
CA GLN B 152 10.01 40.07 -1.84
C GLN B 152 11.13 39.18 -2.38
N PHE B 153 10.83 38.38 -3.41
CA PHE B 153 11.76 37.41 -3.94
C PHE B 153 12.47 37.89 -5.20
N GLY B 154 12.36 39.18 -5.53
CA GLY B 154 12.97 39.68 -6.74
C GLY B 154 12.43 39.07 -8.01
N ARG B 155 11.22 38.51 -7.95
CA ARG B 155 10.61 37.85 -9.10
C ARG B 155 9.41 38.66 -9.58
N SER B 156 9.22 38.68 -10.90
CA SER B 156 8.12 39.42 -11.51
C SER B 156 6.95 38.52 -11.92
N VAL B 157 7.14 37.21 -11.94
CA VAL B 157 6.09 36.26 -12.30
C VAL B 157 6.04 35.16 -11.25
N PHE B 158 5.02 34.31 -11.36
CA PHE B 158 4.89 33.12 -10.54
C PHE B 158 5.47 31.91 -11.26
N ASP B 159 5.86 30.91 -10.48
CA ASP B 159 6.39 29.68 -11.05
C ASP B 159 5.28 28.69 -11.40
N ILE B 160 4.41 28.39 -10.44
CA ILE B 160 3.30 27.47 -10.66
C ILE B 160 2.02 28.12 -10.15
N GLY B 161 0.94 27.98 -10.92
CA GLY B 161 -0.37 28.45 -10.52
C GLY B 161 -1.30 27.28 -10.29
N PHE B 162 -2.21 27.44 -9.32
CA PHE B 162 -3.17 26.41 -8.96
C PHE B 162 -4.57 27.01 -9.03
N CYS B 163 -5.39 26.42 -9.89
CA CYS B 163 -6.73 26.89 -10.26
C CYS B 163 -7.73 25.77 -10.04
N MET B 164 -7.74 25.23 -8.82
CA MET B 164 -8.51 24.04 -8.51
C MET B 164 -9.94 24.41 -8.12
N SER B 165 -10.91 23.97 -8.93
CA SER B 165 -12.33 24.06 -8.61
C SER B 165 -12.79 25.51 -8.43
N ILE B 166 -12.41 26.37 -9.37
CA ILE B 166 -12.78 27.77 -9.28
C ILE B 166 -13.33 28.28 -10.60
N THR B 167 -13.13 27.52 -11.69
CA THR B 167 -13.51 28.01 -13.00
C THR B 167 -15.02 28.19 -13.12
N MET B 168 -15.79 27.26 -12.54
CA MET B 168 -17.25 27.36 -12.66
C MET B 168 -17.78 28.59 -11.95
N TRP B 169 -17.17 28.95 -10.81
CA TRP B 169 -17.66 30.10 -10.06
C TRP B 169 -17.36 31.41 -10.79
N ILE B 170 -16.12 31.55 -11.28
CA ILE B 170 -15.78 32.72 -12.10
C ILE B 170 -16.69 32.80 -13.31
N HIS B 171 -17.01 31.64 -13.91
CA HIS B 171 -17.92 31.60 -15.04
C HIS B 171 -19.30 32.12 -14.66
N LEU B 172 -19.93 31.50 -13.66
CA LEU B 172 -21.26 31.89 -13.24
C LEU B 172 -21.32 33.36 -12.83
N ASN B 173 -20.21 33.92 -12.33
CA ASN B 173 -20.23 35.28 -11.83
C ASN B 173 -19.91 36.32 -12.91
N HIS B 174 -19.14 35.97 -13.95
CA HIS B 174 -18.73 36.99 -14.91
C HIS B 174 -18.85 36.53 -16.37
N GLY B 175 -19.67 35.53 -16.66
CA GLY B 175 -19.85 35.12 -18.04
C GLY B 175 -18.61 34.56 -18.73
N ASP B 176 -18.80 34.26 -20.01
CA ASP B 176 -17.71 33.78 -20.85
C ASP B 176 -16.55 34.77 -20.84
N HIS B 177 -16.85 36.07 -20.82
CA HIS B 177 -15.79 37.07 -20.90
C HIS B 177 -14.95 37.09 -19.63
N GLY B 178 -15.59 36.97 -18.46
CA GLY B 178 -14.82 36.92 -17.23
C GLY B 178 -14.01 35.64 -17.13
N LEU B 179 -14.57 34.51 -17.57
CA LEU B 179 -13.77 33.29 -17.58
C LEU B 179 -12.57 33.43 -18.51
N TRP B 180 -12.77 34.04 -19.68
CA TRP B 180 -11.70 34.22 -20.64
C TRP B 180 -10.60 35.12 -20.09
N GLU B 181 -10.99 36.24 -19.48
CA GLU B 181 -9.99 37.16 -18.92
C GLU B 181 -9.33 36.58 -17.68
N PHE B 182 -10.05 35.75 -16.92
CA PHE B 182 -9.45 35.05 -15.79
C PHE B 182 -8.35 34.11 -16.25
N LEU B 183 -8.64 33.32 -17.30
CA LEU B 183 -7.60 32.46 -17.87
C LEU B 183 -6.47 33.29 -18.45
N ALA B 184 -6.78 34.45 -19.02
CA ALA B 184 -5.74 35.34 -19.55
C ALA B 184 -4.80 35.79 -18.44
N HIS B 185 -5.36 36.22 -17.30
CA HIS B 185 -4.53 36.66 -16.19
C HIS B 185 -3.71 35.51 -15.62
N LEU B 186 -4.32 34.34 -15.46
CA LEU B 186 -3.59 33.20 -14.94
C LEU B 186 -2.47 32.76 -15.88
N SER B 187 -2.66 32.93 -17.19
CA SER B 187 -1.60 32.63 -18.14
C SER B 187 -0.52 33.70 -18.14
N SER B 188 -0.89 34.95 -17.87
CA SER B 188 0.08 36.04 -17.82
C SER B 188 0.86 36.08 -16.52
N LEU B 189 0.39 35.40 -15.48
CA LEU B 189 1.02 35.49 -14.16
C LEU B 189 1.94 34.33 -13.83
N CYS B 190 1.71 33.15 -14.41
CA CYS B 190 2.42 31.94 -13.99
C CYS B 190 3.05 31.24 -15.18
N HIS B 191 4.24 30.67 -14.96
CA HIS B 191 4.86 29.86 -15.99
C HIS B 191 4.05 28.60 -16.26
N TYR B 192 3.79 27.83 -15.22
CA TYR B 192 2.99 26.62 -15.31
C TYR B 192 1.64 26.84 -14.64
N LEU B 193 0.63 26.11 -15.09
CA LEU B 193 -0.72 26.25 -14.56
C LEU B 193 -1.34 24.87 -14.38
N LEU B 194 -1.94 24.63 -13.22
CA LEU B 194 -2.67 23.39 -12.95
C LEU B 194 -4.12 23.76 -12.65
N VAL B 195 -4.99 23.51 -13.62
CA VAL B 195 -6.41 23.88 -13.53
C VAL B 195 -7.22 22.63 -13.27
N GLU B 196 -8.15 22.71 -12.32
CA GLU B 196 -9.09 21.63 -12.04
C GLU B 196 -10.48 22.11 -12.49
N PRO B 197 -10.86 21.87 -13.74
CA PRO B 197 -12.11 22.44 -14.25
C PRO B 197 -13.32 21.67 -13.75
N GLN B 198 -14.32 22.42 -13.32
CA GLN B 198 -15.60 21.82 -12.95
C GLN B 198 -16.39 21.53 -14.22
N PRO B 199 -16.82 20.29 -14.44
CA PRO B 199 -17.56 19.99 -15.67
C PRO B 199 -18.91 20.68 -15.71
N TRP B 200 -19.48 20.73 -16.91
CA TRP B 200 -20.76 21.39 -17.11
C TRP B 200 -21.90 20.72 -16.34
N LYS B 201 -21.66 19.53 -15.78
CA LYS B 201 -22.71 18.83 -15.04
C LYS B 201 -23.13 19.62 -13.80
N CYS B 202 -22.18 19.92 -12.93
CA CYS B 202 -22.49 20.60 -11.68
C CYS B 202 -22.92 22.05 -11.89
N TYR B 203 -22.83 22.57 -13.10
CA TYR B 203 -23.25 23.95 -13.37
C TYR B 203 -24.71 24.16 -13.00
N ARG B 204 -25.61 23.35 -13.58
CA ARG B 204 -27.03 23.47 -13.25
C ARG B 204 -27.31 23.05 -11.82
N ALA B 205 -26.54 22.11 -11.28
CA ALA B 205 -26.74 21.71 -9.89
C ALA B 205 -26.51 22.88 -8.94
N ALA B 206 -25.50 23.70 -9.21
CA ALA B 206 -25.27 24.89 -8.39
C ALA B 206 -26.23 26.01 -8.75
N ALA B 207 -26.62 26.10 -10.03
CA ALA B 207 -27.53 27.16 -10.47
C ALA B 207 -28.90 26.99 -9.85
N ARG B 208 -29.34 25.75 -9.66
CA ARG B 208 -30.68 25.49 -9.13
C ARG B 208 -30.86 26.10 -7.75
N ARG B 209 -29.84 26.01 -6.89
CA ARG B 209 -29.92 26.63 -5.58
C ARG B 209 -29.54 28.10 -5.63
N LEU B 210 -28.51 28.45 -6.40
CA LEU B 210 -28.07 29.84 -6.45
C LEU B 210 -29.14 30.74 -7.06
N ARG B 211 -29.97 30.20 -7.95
CA ARG B 211 -31.07 31.00 -8.49
C ARG B 211 -32.25 31.07 -7.53
N LYS B 212 -32.47 30.03 -6.71
CA LYS B 212 -33.59 30.01 -5.79
C LYS B 212 -33.25 30.62 -4.44
N LEU B 213 -31.98 30.86 -4.14
CA LEU B 213 -31.56 31.44 -2.86
C LEU B 213 -31.48 32.96 -2.94
N GLY B 214 -32.53 33.57 -3.48
CA GLY B 214 -32.59 35.02 -3.68
C GLY B 214 -31.34 35.63 -4.30
N LEU B 215 -30.55 34.82 -4.99
CA LEU B 215 -29.27 35.25 -5.54
C LEU B 215 -29.22 35.03 -7.04
N HIS B 216 -30.30 35.41 -7.75
CA HIS B 216 -30.34 35.28 -9.20
C HIS B 216 -29.26 36.12 -9.88
N ASP B 217 -28.68 37.09 -9.17
CA ASP B 217 -27.79 38.08 -9.77
C ASP B 217 -26.35 37.57 -9.91
N PHE B 218 -26.05 36.37 -9.43
CA PHE B 218 -24.71 35.81 -9.52
C PHE B 218 -24.71 34.54 -10.35
N ASP B 219 -25.69 34.44 -11.23
CA ASP B 219 -25.83 33.30 -12.09
C ASP B 219 -25.84 33.75 -13.53
N HIS B 220 -24.94 33.19 -14.32
CA HIS B 220 -25.03 33.22 -15.76
C HIS B 220 -25.11 31.76 -16.09
N PHE B 221 -26.15 31.36 -16.78
CA PHE B 221 -26.26 29.98 -17.18
C PHE B 221 -26.74 30.00 -18.60
N HIS B 222 -27.94 30.50 -18.74
CA HIS B 222 -28.61 30.64 -20.02
C HIS B 222 -27.82 31.59 -20.88
N SER B 223 -27.24 32.61 -20.25
CA SER B 223 -26.44 33.57 -21.00
C SER B 223 -25.23 32.90 -21.60
N LEU B 224 -24.67 31.97 -20.86
CA LEU B 224 -23.37 31.40 -21.21
C LEU B 224 -23.32 30.73 -22.57
N ALA B 225 -22.26 31.05 -23.31
CA ALA B 225 -21.96 30.46 -24.61
C ALA B 225 -21.06 29.23 -24.47
N ILE B 226 -19.96 29.38 -23.75
CA ILE B 226 -19.06 28.27 -23.51
C ILE B 226 -19.74 27.24 -22.63
N ARG B 227 -19.90 26.03 -23.15
CA ARG B 227 -20.54 24.97 -22.37
C ARG B 227 -20.19 23.59 -22.93
N GLY B 228 -20.57 22.56 -22.20
CA GLY B 228 -20.35 21.18 -22.64
C GLY B 228 -19.06 20.60 -22.07
N ASP B 229 -18.16 20.16 -22.95
CA ASP B 229 -16.89 19.59 -22.53
C ASP B 229 -15.98 20.71 -22.04
N MET B 230 -16.21 21.12 -20.79
CA MET B 230 -15.53 22.30 -20.26
C MET B 230 -14.02 22.15 -20.12
N PRO B 231 -13.47 21.00 -19.71
CA PRO B 231 -12.00 20.87 -19.74
C PRO B 231 -11.41 21.15 -21.11
N ASN B 232 -12.00 20.60 -22.17
CA ASN B 232 -11.49 20.85 -23.51
C ASN B 232 -11.65 22.31 -23.90
N GLN B 233 -12.73 22.96 -23.47
CA GLN B 233 -12.92 24.37 -23.77
C GLN B 233 -11.86 25.23 -23.10
N ILE B 234 -11.55 24.93 -21.84
CA ILE B 234 -10.49 25.66 -21.14
C ILE B 234 -9.14 25.41 -21.79
N VAL B 235 -8.90 24.17 -22.23
CA VAL B 235 -7.67 23.85 -22.95
C VAL B 235 -7.57 24.70 -24.21
N GLN B 236 -8.67 24.80 -24.97
CA GLN B 236 -8.67 25.58 -26.20
C GLN B 236 -8.40 27.05 -25.92
N ILE B 237 -9.06 27.61 -24.90
CA ILE B 237 -8.86 29.02 -24.60
C ILE B 237 -7.42 29.29 -24.18
N LEU B 238 -6.87 28.43 -23.33
CA LEU B 238 -5.51 28.65 -22.86
C LEU B 238 -4.47 28.40 -23.96
N THR B 239 -4.79 27.54 -24.93
CA THR B 239 -3.83 27.21 -25.98
C THR B 239 -3.84 28.21 -27.13
N GLN B 240 -5.01 28.47 -27.69
CA GLN B 240 -5.12 29.29 -28.87
C GLN B 240 -4.98 30.74 -28.58
N ASP B 241 -5.45 31.18 -27.42
CA ASP B 241 -5.52 32.59 -27.10
C ASP B 241 -4.42 33.08 -26.17
N HIS B 242 -3.76 32.19 -25.42
CA HIS B 242 -2.83 32.64 -24.40
C HIS B 242 -1.57 31.78 -24.33
N GLY B 243 -1.11 31.25 -25.46
CA GLY B 243 0.06 30.40 -25.47
C GLY B 243 -0.20 29.06 -24.82
N MET B 244 0.51 28.75 -23.75
CA MET B 244 0.14 27.69 -22.80
C MET B 244 -0.11 26.34 -23.50
N GLU B 245 0.98 25.78 -24.03
CA GLU B 245 0.91 24.40 -24.50
C GLU B 245 0.52 23.48 -23.36
N LEU B 246 -0.55 22.70 -23.55
CA LEU B 246 -0.99 21.74 -22.55
C LEU B 246 -0.01 20.57 -22.53
N ILE B 247 0.71 20.42 -21.42
CA ILE B 247 1.83 19.47 -21.37
C ILE B 247 1.46 18.19 -20.64
N CYS B 248 0.53 18.26 -19.68
CA CYS B 248 0.18 17.09 -18.89
C CYS B 248 -1.29 17.13 -18.53
N CYS B 249 -1.84 15.95 -18.25
CA CYS B 249 -3.23 15.82 -17.86
C CYS B 249 -3.39 14.56 -17.02
N PHE B 250 -3.84 14.73 -15.78
CA PHE B 250 -4.05 13.63 -14.85
C PHE B 250 -5.53 13.58 -14.48
N GLY B 251 -6.16 12.44 -14.75
CA GLY B 251 -7.57 12.26 -14.45
C GLY B 251 -8.43 12.07 -15.69
N ASP B 256 -13.97 14.42 -16.39
CA ASP B 256 -14.91 14.45 -15.27
C ASP B 256 -14.16 14.72 -13.97
N ARG B 257 -13.94 16.01 -13.70
CA ARG B 257 -13.12 16.46 -12.56
C ARG B 257 -11.67 15.98 -12.70
N SER B 258 -11.06 16.36 -13.83
CA SER B 258 -9.68 16.03 -14.13
C SER B 258 -8.77 17.21 -13.75
N LEU B 259 -7.49 17.05 -14.07
CA LEU B 259 -6.46 18.05 -13.75
C LEU B 259 -5.61 18.29 -14.99
N LEU B 260 -5.54 19.55 -15.42
CA LEU B 260 -4.85 19.90 -16.66
C LEU B 260 -3.67 20.81 -16.35
N LEU B 261 -2.52 20.49 -16.93
CA LEU B 261 -1.28 21.25 -16.72
C LEU B 261 -0.86 21.92 -18.01
N PHE B 262 -0.65 23.24 -17.94
CA PHE B 262 -0.26 24.06 -19.08
C PHE B 262 1.09 24.71 -18.83
N ARG B 263 1.82 24.95 -19.92
CA ARG B 263 3.11 25.64 -19.89
C ARG B 263 3.03 26.89 -20.74
N ALA B 264 3.41 28.03 -20.16
CA ALA B 264 3.38 29.30 -20.88
C ALA B 264 4.47 29.34 -21.96
N ALA C 36 -3.13 9.76 46.37
CA ALA C 36 -4.25 9.58 45.45
C ALA C 36 -4.09 8.31 44.63
N ALA C 37 -4.35 8.43 43.33
CA ALA C 37 -4.24 7.39 42.32
C ALA C 37 -5.20 6.22 42.54
N PRO C 38 -6.53 6.44 42.49
CA PRO C 38 -7.45 5.30 42.48
C PRO C 38 -7.53 4.63 41.11
N PHE C 39 -7.43 5.44 40.06
CA PHE C 39 -7.42 4.94 38.69
C PHE C 39 -6.03 4.60 38.19
N GLY C 40 -5.04 4.53 39.09
CA GLY C 40 -3.69 4.21 38.69
C GLY C 40 -2.93 5.33 38.03
N ASN C 41 -3.30 6.60 38.30
CA ASN C 41 -2.58 7.74 37.75
C ASN C 41 -1.37 8.05 38.62
N PHE C 42 -0.41 7.14 38.60
CA PHE C 42 0.87 7.36 39.26
C PHE C 42 1.80 8.15 38.36
N PRO C 43 2.40 9.23 38.84
CA PRO C 43 3.29 10.02 37.98
C PRO C 43 4.47 9.20 37.48
N HIS C 44 4.62 9.16 36.16
CA HIS C 44 5.67 8.40 35.49
C HIS C 44 5.65 6.94 35.94
N TYR C 45 4.49 6.33 35.70
CA TYR C 45 4.32 4.89 35.90
C TYR C 45 5.34 4.09 35.09
N SER C 46 5.85 4.67 34.01
CA SER C 46 6.86 4.00 33.19
C SER C 46 8.27 4.17 33.74
N ARG C 47 8.49 3.89 35.02
CA ARG C 47 9.85 3.58 35.46
C ARG C 47 9.92 2.24 36.18
N PHE C 48 8.92 1.95 37.01
CA PHE C 48 8.83 0.62 37.62
C PHE C 48 8.83 -0.47 36.54
N HIS C 49 8.37 -0.13 35.34
CA HIS C 49 8.50 -0.91 34.12
C HIS C 49 8.83 0.07 32.99
N PRO C 50 10.03 -0.01 32.42
CA PRO C 50 10.42 0.95 31.37
C PRO C 50 9.53 0.84 30.16
N PRO C 51 9.48 1.87 29.33
CA PRO C 51 8.65 1.79 28.12
C PRO C 51 9.17 0.77 27.11
N GLU C 52 10.48 0.77 26.89
CA GLU C 52 11.13 -0.10 25.90
C GLU C 52 11.06 -1.59 26.20
N GLN C 53 11.06 -1.94 27.48
CA GLN C 53 11.15 -3.33 27.84
C GLN C 53 9.96 -4.10 27.28
N ARG C 54 8.78 -3.50 27.37
CA ARG C 54 7.55 -4.12 26.89
C ARG C 54 7.31 -4.38 25.39
N LEU C 55 7.72 -3.44 24.56
CA LEU C 55 7.42 -3.49 23.12
C LEU C 55 8.21 -4.55 22.36
N ARG C 56 9.21 -5.08 23.05
CA ARG C 56 10.31 -5.86 22.49
C ARG C 56 9.79 -6.97 21.58
N LEU C 57 8.80 -7.72 22.07
CA LEU C 57 8.14 -8.70 21.22
C LEU C 57 7.30 -8.03 20.14
N LEU C 58 6.94 -6.76 20.32
CA LEU C 58 6.23 -6.02 19.28
C LEU C 58 7.15 -5.77 18.10
N PRO C 59 6.80 -6.19 16.89
CA PRO C 59 7.64 -5.88 15.73
C PRO C 59 7.55 -4.40 15.39
N PRO C 60 8.69 -3.74 15.21
CA PRO C 60 8.66 -2.33 14.76
C PRO C 60 7.96 -2.13 13.43
N GLU C 61 7.85 -3.18 12.62
CA GLU C 61 7.16 -3.12 11.33
C GLU C 61 5.65 -3.22 11.47
N LEU C 62 5.12 -3.26 12.70
CA LEU C 62 3.71 -3.48 12.94
C LEU C 62 2.84 -2.58 12.05
N LEU C 63 3.08 -1.28 12.08
CA LEU C 63 2.25 -0.37 11.31
C LEU C 63 2.34 -0.61 9.80
N ARG C 64 3.54 -0.90 9.33
CA ARG C 64 3.77 -1.25 7.92
C ARG C 64 3.04 -2.54 7.54
N GLN C 65 3.04 -3.52 8.44
CA GLN C 65 2.37 -4.81 8.26
C GLN C 65 0.85 -4.75 8.13
N LEU C 66 0.23 -3.86 8.89
CA LEU C 66 -1.21 -3.80 9.11
C LEU C 66 -1.95 -2.88 8.15
N PHE C 67 -1.36 -1.73 7.85
CA PHE C 67 -2.04 -0.73 7.04
C PHE C 67 -1.41 -0.49 5.67
N PRO C 68 -2.26 -0.28 4.67
CA PRO C 68 -1.77 0.00 3.31
C PRO C 68 -1.08 1.36 3.25
N GLU C 69 -0.65 1.75 2.06
CA GLU C 69 0.06 3.00 1.87
C GLU C 69 -0.79 4.05 1.18
N SER C 70 -2.04 3.73 0.89
CA SER C 70 -2.89 4.66 0.18
C SER C 70 -3.07 5.91 1.04
N PRO C 71 -2.91 7.07 0.42
CA PRO C 71 -3.07 8.34 1.15
C PRO C 71 -4.49 8.87 1.04
N GLU C 72 -5.35 8.20 0.29
CA GLU C 72 -6.71 8.65 0.05
C GLU C 72 -7.59 8.59 1.29
N ASN C 73 -7.45 7.52 2.06
CA ASN C 73 -8.29 7.30 3.26
C ASN C 73 -8.10 8.36 4.34
N GLY C 74 -6.83 8.73 4.54
CA GLY C 74 -6.38 9.61 5.59
C GLY C 74 -5.05 9.14 6.13
N PRO C 75 -4.64 9.68 7.27
CA PRO C 75 -3.46 9.15 7.97
C PRO C 75 -3.87 8.01 8.89
N ILE C 76 -2.86 7.36 9.46
CA ILE C 76 -3.08 6.25 10.38
C ILE C 76 -3.40 6.85 11.75
N LEU C 77 -4.63 6.65 12.21
CA LEU C 77 -5.12 7.24 13.44
C LEU C 77 -5.03 6.23 14.57
N GLY C 78 -4.31 6.58 15.63
CA GLY C 78 -4.21 5.77 16.82
C GLY C 78 -4.91 6.45 17.97
N LEU C 79 -5.39 5.64 18.91
CA LEU C 79 -6.07 6.12 20.11
C LEU C 79 -5.55 5.31 21.29
N ASP C 80 -4.76 5.94 22.15
CA ASP C 80 -4.26 5.27 23.35
C ASP C 80 -5.08 5.72 24.55
N VAL C 81 -5.60 4.76 25.30
CA VAL C 81 -6.36 5.03 26.52
C VAL C 81 -5.44 4.86 27.71
N GLY C 82 -5.40 5.87 28.57
CA GLY C 82 -4.54 5.84 29.74
C GLY C 82 -3.08 6.09 29.44
N CYS C 83 -2.78 7.28 28.92
CA CYS C 83 -1.42 7.69 28.56
C CYS C 83 -0.75 8.45 29.70
N ASN C 84 -0.67 7.82 30.88
CA ASN C 84 -0.44 8.53 32.13
C ASN C 84 0.60 9.64 32.04
N SER C 85 1.74 9.37 31.40
CA SER C 85 2.78 10.35 31.27
C SER C 85 3.23 10.57 29.84
N GLY C 86 2.61 9.91 28.87
CA GLY C 86 3.05 9.97 27.50
C GLY C 86 4.32 9.19 27.21
N ASP C 87 4.93 8.56 28.22
CA ASP C 87 6.16 7.81 28.01
C ASP C 87 5.93 6.62 27.08
N LEU C 88 4.95 5.77 27.42
CA LEU C 88 4.64 4.63 26.55
C LEU C 88 4.06 5.09 25.22
N SER C 89 3.33 6.21 25.19
CA SER C 89 2.85 6.74 23.93
C SER C 89 4.00 7.19 23.04
N VAL C 90 4.96 7.91 23.63
CA VAL C 90 6.14 8.35 22.88
C VAL C 90 6.92 7.15 22.37
N ALA C 91 7.05 6.11 23.21
CA ALA C 91 7.79 4.91 22.80
C ALA C 91 7.06 4.19 21.67
N LEU C 92 5.73 4.06 21.78
CA LEU C 92 4.94 3.44 20.72
C LEU C 92 5.08 4.19 19.41
N TYR C 93 5.11 5.53 19.48
CA TYR C 93 5.31 6.31 18.27
C TYR C 93 6.71 6.11 17.70
N LYS C 94 7.73 6.05 18.57
CA LYS C 94 9.08 5.82 18.10
C LYS C 94 9.30 4.37 17.68
N HIS C 95 8.60 3.43 18.33
CA HIS C 95 8.86 2.01 18.09
C HIS C 95 8.54 1.61 16.66
N PHE C 96 7.45 2.13 16.11
CA PHE C 96 6.95 1.66 14.82
C PHE C 96 7.63 2.41 13.68
N LEU C 97 8.06 1.65 12.67
CA LEU C 97 8.64 2.26 11.48
C LEU C 97 7.59 3.06 10.73
N SER C 98 8.00 4.22 10.23
CA SER C 98 7.08 5.09 9.51
C SER C 98 6.72 4.49 8.16
N LEU C 99 5.50 4.79 7.71
CA LEU C 99 5.03 4.31 6.42
C LEU C 99 5.60 5.12 5.25
N ALA C 100 6.04 6.36 5.51
CA ALA C 100 6.58 7.26 4.49
C ALA C 100 5.51 7.62 3.47
N SER C 101 4.28 7.18 3.69
CA SER C 101 3.17 7.52 2.79
C SER C 101 1.97 7.99 3.60
N ARG C 102 1.83 7.46 4.81
CA ARG C 102 0.79 7.87 5.75
C ARG C 102 1.45 8.18 7.08
N GLU C 103 1.18 9.37 7.61
CA GLU C 103 1.74 9.75 8.90
C GLU C 103 0.91 9.16 10.04
N PHE C 104 1.59 8.91 11.15
CA PHE C 104 0.96 8.34 12.33
C PHE C 104 0.46 9.46 13.23
N ARG C 105 -0.86 9.59 13.34
CA ARG C 105 -1.49 10.59 14.21
C ARG C 105 -2.12 9.89 15.41
N LEU C 106 -1.61 10.19 16.61
CA LEU C 106 -2.00 9.50 17.82
C LEU C 106 -2.74 10.45 18.76
N LEU C 107 -3.89 10.00 19.27
CA LEU C 107 -4.67 10.70 20.27
C LEU C 107 -4.51 9.94 21.58
N CYS C 108 -3.83 10.57 22.54
CA CYS C 108 -3.56 9.97 23.84
C CYS C 108 -4.48 10.62 24.86
N CYS C 109 -5.30 9.80 25.52
CA CYS C 109 -6.27 10.32 26.47
C CYS C 109 -5.99 9.76 27.86
N ASP C 110 -6.33 10.55 28.88
CA ASP C 110 -6.19 10.13 30.26
C ASP C 110 -7.31 10.75 31.09
N ILE C 111 -7.36 10.34 32.37
CA ILE C 111 -8.36 10.87 33.29
C ILE C 111 -7.78 11.92 34.23
N ASP C 112 -6.48 11.90 34.50
CA ASP C 112 -5.88 12.86 35.43
C ASP C 112 -5.39 14.07 34.64
N PRO C 113 -5.89 15.28 34.93
CA PRO C 113 -5.51 16.44 34.11
C PRO C 113 -4.06 16.88 34.30
N VAL C 114 -3.56 16.85 35.53
CA VAL C 114 -2.16 17.23 35.76
C VAL C 114 -1.23 16.32 34.97
N LEU C 115 -1.57 15.03 34.89
CA LEU C 115 -0.77 14.08 34.12
C LEU C 115 -0.79 14.42 32.63
N VAL C 116 -1.95 14.83 32.11
CA VAL C 116 -2.04 15.14 30.69
C VAL C 116 -1.28 16.42 30.37
N LYS C 117 -1.33 17.41 31.26
CA LYS C 117 -0.56 18.63 31.03
C LYS C 117 0.94 18.34 31.09
N ARG C 118 1.38 17.58 32.09
CA ARG C 118 2.79 17.23 32.21
C ARG C 118 3.22 16.13 31.26
N ALA C 119 2.31 15.63 30.42
CA ALA C 119 2.69 14.79 29.29
C ALA C 119 2.72 15.57 27.98
N GLU C 120 1.86 16.58 27.83
CA GLU C 120 1.88 17.42 26.64
C GLU C 120 3.07 18.36 26.65
N LYS C 121 3.39 18.92 27.82
CA LYS C 121 4.42 19.95 27.93
C LYS C 121 5.82 19.46 27.57
N GLU C 122 6.02 18.14 27.49
CA GLU C 122 7.34 17.58 27.21
C GLU C 122 7.32 16.51 26.13
N CYS C 123 6.24 16.40 25.37
CA CYS C 123 6.18 15.41 24.31
C CYS C 123 7.06 15.84 23.15
N PRO C 124 8.01 15.00 22.72
CA PRO C 124 8.89 15.39 21.60
C PRO C 124 8.14 15.62 20.29
N PHE C 125 6.92 15.10 20.14
CA PHE C 125 6.14 15.22 18.92
C PHE C 125 4.84 15.95 19.19
N PRO C 126 4.86 17.29 19.19
CA PRO C 126 3.61 18.03 18.96
C PRO C 126 3.10 17.81 17.54
N ASP C 127 3.97 17.33 16.66
CA ASP C 127 3.58 16.90 15.32
C ASP C 127 2.45 15.87 15.37
N ALA C 128 2.59 14.85 16.23
CA ALA C 128 1.77 13.65 16.13
C ALA C 128 0.88 13.40 17.32
N LEU C 129 1.39 13.53 18.54
CA LEU C 129 0.65 13.12 19.73
C LEU C 129 -0.20 14.26 20.25
N THR C 130 -1.49 13.98 20.46
CA THR C 130 -2.44 14.95 20.99
C THR C 130 -2.98 14.42 22.32
N PHE C 131 -2.62 15.10 23.41
CA PHE C 131 -2.95 14.65 24.75
C PHE C 131 -4.21 15.36 25.24
N ILE C 132 -5.21 14.59 25.66
CA ILE C 132 -6.43 15.15 26.21
C ILE C 132 -6.82 14.42 27.49
N THR C 133 -7.63 15.10 28.29
CA THR C 133 -8.20 14.54 29.51
C THR C 133 -9.59 13.99 29.20
N LEU C 134 -9.78 12.70 29.44
CA LEU C 134 -11.05 12.07 29.13
C LEU C 134 -11.25 10.87 30.03
N ASP C 135 -12.39 10.84 30.74
CA ASP C 135 -12.79 9.66 31.48
C ASP C 135 -13.52 8.75 30.50
N PHE C 136 -12.83 7.70 30.04
CA PHE C 136 -13.34 6.84 28.99
C PHE C 136 -14.63 6.11 29.38
N MET C 137 -15.01 6.13 30.65
CA MET C 137 -16.13 5.34 31.13
C MET C 137 -17.45 6.11 31.19
N ASN C 138 -17.51 7.31 30.63
CA ASN C 138 -18.76 8.05 30.53
C ASN C 138 -19.03 8.35 29.07
N GLN C 139 -20.30 8.21 28.66
CA GLN C 139 -20.62 8.18 27.24
C GLN C 139 -20.46 9.54 26.59
N ARG C 140 -20.89 10.60 27.26
CA ARG C 140 -20.99 11.91 26.60
C ARG C 140 -19.60 12.49 26.33
N THR C 141 -18.75 12.56 27.36
CA THR C 141 -17.41 13.10 27.18
C THR C 141 -16.63 12.30 26.14
N ARG C 142 -16.66 10.97 26.25
CA ARG C 142 -15.93 10.12 25.31
C ARG C 142 -16.42 10.34 23.88
N LYS C 143 -17.74 10.22 23.67
CA LYS C 143 -18.31 10.41 22.33
C LYS C 143 -17.89 11.75 21.75
N VAL C 144 -18.07 12.83 22.52
CA VAL C 144 -17.88 14.16 21.96
C VAL C 144 -16.40 14.42 21.67
N LEU C 145 -15.51 14.07 22.62
CA LEU C 145 -14.09 14.34 22.41
C LEU C 145 -13.50 13.47 21.30
N LEU C 146 -13.87 12.18 21.26
CA LEU C 146 -13.32 11.31 20.23
C LEU C 146 -13.86 11.67 18.86
N SER C 147 -15.13 12.07 18.77
CA SER C 147 -15.64 12.54 17.49
C SER C 147 -15.00 13.85 17.08
N SER C 148 -14.72 14.73 18.06
CA SER C 148 -14.02 15.97 17.76
C SER C 148 -12.63 15.72 17.19
N PHE C 149 -11.93 14.70 17.73
CA PHE C 149 -10.63 14.38 17.17
C PHE C 149 -10.75 13.72 15.81
N LEU C 150 -11.73 12.83 15.63
CA LEU C 150 -11.82 12.04 14.41
C LEU C 150 -12.29 12.88 13.23
N SER C 151 -13.17 13.87 13.47
CA SER C 151 -13.67 14.70 12.39
C SER C 151 -12.59 15.53 11.72
N GLN C 152 -11.40 15.63 12.32
CA GLN C 152 -10.29 16.33 11.68
C GLN C 152 -9.93 15.71 10.35
N PHE C 153 -10.15 14.39 10.19
CA PHE C 153 -9.78 13.68 8.98
C PHE C 153 -10.96 12.93 8.37
N GLY C 154 -12.18 13.18 8.82
CA GLY C 154 -13.32 12.34 8.47
C GLY C 154 -13.46 11.16 9.45
N ARG C 155 -13.14 9.96 8.97
CA ARG C 155 -12.72 8.84 9.83
C ARG C 155 -13.67 8.63 11.01
N SER C 156 -14.89 8.19 10.67
CA SER C 156 -15.89 7.90 11.69
C SER C 156 -15.41 6.90 12.73
N VAL C 157 -14.25 6.29 12.48
CA VAL C 157 -13.68 5.24 13.33
C VAL C 157 -12.17 5.46 13.46
N PHE C 158 -11.59 4.87 14.49
CA PHE C 158 -10.14 4.87 14.66
C PHE C 158 -9.51 3.71 13.90
N ASP C 159 -8.19 3.75 13.75
CA ASP C 159 -7.46 2.72 13.03
C ASP C 159 -6.76 1.74 13.96
N ILE C 160 -5.98 2.22 14.92
CA ILE C 160 -5.33 1.37 15.89
C ILE C 160 -5.59 1.92 17.29
N GLY C 161 -5.98 1.05 18.21
CA GLY C 161 -6.22 1.43 19.59
C GLY C 161 -5.20 0.77 20.49
N PHE C 162 -4.83 1.47 21.56
CA PHE C 162 -3.84 0.99 22.51
C PHE C 162 -4.47 0.96 23.89
N CYS C 163 -4.52 -0.24 24.47
CA CYS C 163 -5.13 -0.54 25.75
C CYS C 163 -4.10 -1.23 26.64
N MET C 164 -2.95 -0.57 26.77
CA MET C 164 -1.78 -1.16 27.42
C MET C 164 -1.86 -0.88 28.93
N SER C 165 -2.11 -1.92 29.71
CA SER C 165 -2.02 -1.88 31.17
C SER C 165 -3.00 -0.85 31.76
N ILE C 166 -4.28 -1.02 31.42
CA ILE C 166 -5.33 -0.17 31.95
C ILE C 166 -6.52 -1.02 32.39
N THR C 167 -6.48 -2.32 32.09
CA THR C 167 -7.64 -3.16 32.29
C THR C 167 -7.87 -3.46 33.77
N MET C 168 -6.80 -3.64 34.54
CA MET C 168 -6.95 -3.89 35.97
C MET C 168 -7.63 -2.71 36.66
N TRP C 169 -7.28 -1.48 36.27
CA TRP C 169 -7.87 -0.31 36.89
C TRP C 169 -9.34 -0.15 36.51
N ILE C 170 -9.67 -0.36 35.23
CA ILE C 170 -11.07 -0.29 34.81
C ILE C 170 -11.89 -1.35 35.54
N HIS C 171 -11.31 -2.55 35.71
CA HIS C 171 -11.98 -3.62 36.44
C HIS C 171 -12.24 -3.23 37.88
N LEU C 172 -11.18 -2.90 38.62
CA LEU C 172 -11.32 -2.54 40.01
C LEU C 172 -12.29 -1.37 40.19
N ASN C 173 -12.34 -0.44 39.24
CA ASN C 173 -13.07 0.80 39.47
C ASN C 173 -14.56 0.69 39.14
N HIS C 174 -14.94 -0.13 38.14
CA HIS C 174 -16.35 -0.28 37.80
C HIS C 174 -16.77 -1.72 37.51
N GLY C 175 -16.18 -2.72 38.17
CA GLY C 175 -16.70 -4.07 38.09
C GLY C 175 -16.48 -4.73 36.73
N ASP C 176 -16.90 -6.00 36.68
CA ASP C 176 -16.90 -6.74 35.42
C ASP C 176 -17.77 -6.06 34.38
N HIS C 177 -18.83 -5.36 34.82
CA HIS C 177 -19.67 -4.66 33.86
C HIS C 177 -18.92 -3.49 33.22
N GLY C 178 -18.10 -2.78 33.98
CA GLY C 178 -17.30 -1.72 33.39
C GLY C 178 -16.20 -2.25 32.51
N LEU C 179 -15.61 -3.39 32.88
CA LEU C 179 -14.63 -4.02 32.00
C LEU C 179 -15.27 -4.41 30.67
N TRP C 180 -16.46 -5.01 30.73
CA TRP C 180 -17.17 -5.41 29.52
C TRP C 180 -17.55 -4.20 28.66
N GLU C 181 -18.05 -3.13 29.30
CA GLU C 181 -18.42 -1.93 28.57
C GLU C 181 -17.20 -1.26 27.96
N PHE C 182 -16.09 -1.24 28.69
CA PHE C 182 -14.84 -0.68 28.18
C PHE C 182 -14.38 -1.42 26.94
N LEU C 183 -14.36 -2.76 27.01
CA LEU C 183 -13.95 -3.55 25.86
C LEU C 183 -14.93 -3.39 24.70
N ALA C 184 -16.22 -3.23 24.98
CA ALA C 184 -17.20 -3.01 23.92
C ALA C 184 -16.98 -1.68 23.21
N HIS C 185 -16.75 -0.61 23.99
CA HIS C 185 -16.48 0.69 23.38
C HIS C 185 -15.19 0.65 22.55
N LEU C 186 -14.14 0.00 23.07
CA LEU C 186 -12.91 -0.09 22.31
C LEU C 186 -13.06 -0.94 21.06
N SER C 187 -13.95 -1.95 21.10
CA SER C 187 -14.20 -2.75 19.91
C SER C 187 -15.00 -1.97 18.87
N SER C 188 -15.91 -1.10 19.32
CA SER C 188 -16.71 -0.31 18.40
C SER C 188 -15.96 0.90 17.87
N LEU C 189 -14.90 1.34 18.54
CA LEU C 189 -14.23 2.58 18.17
C LEU C 189 -12.94 2.38 17.39
N CYS C 190 -12.36 1.17 17.37
CA CYS C 190 -11.08 0.93 16.74
C CYS C 190 -11.13 -0.27 15.83
N HIS C 191 -10.50 -0.15 14.65
CA HIS C 191 -10.41 -1.29 13.75
C HIS C 191 -9.49 -2.37 14.31
N TYR C 192 -8.30 -1.98 14.74
CA TYR C 192 -7.36 -2.86 15.42
C TYR C 192 -7.24 -2.44 16.87
N LEU C 193 -6.95 -3.42 17.74
CA LEU C 193 -6.85 -3.17 19.18
C LEU C 193 -5.66 -3.93 19.73
N LEU C 194 -4.70 -3.20 20.31
CA LEU C 194 -3.57 -3.81 20.99
C LEU C 194 -3.81 -3.69 22.48
N VAL C 195 -4.25 -4.79 23.10
CA VAL C 195 -4.57 -4.84 24.51
C VAL C 195 -3.42 -5.51 25.25
N GLU C 196 -3.02 -4.91 26.38
CA GLU C 196 -2.01 -5.49 27.26
C GLU C 196 -2.67 -5.69 28.62
N PRO C 197 -3.43 -6.78 28.78
CA PRO C 197 -4.16 -6.97 30.03
C PRO C 197 -3.22 -7.25 31.19
N GLN C 198 -3.61 -6.79 32.37
CA GLN C 198 -2.80 -7.04 33.56
C GLN C 198 -3.30 -8.29 34.26
N PRO C 199 -2.40 -9.19 34.66
CA PRO C 199 -2.85 -10.45 35.25
C PRO C 199 -3.38 -10.27 36.67
N TRP C 200 -3.98 -11.33 37.18
CA TRP C 200 -4.65 -11.30 38.47
C TRP C 200 -3.70 -11.06 39.64
N LYS C 201 -2.39 -11.17 39.43
CA LYS C 201 -1.45 -11.06 40.55
C LYS C 201 -1.31 -9.61 41.02
N CYS C 202 -1.15 -8.67 40.07
CA CYS C 202 -1.09 -7.25 40.45
C CYS C 202 -2.42 -6.76 41.02
N TYR C 203 -3.51 -7.48 40.72
CA TYR C 203 -4.83 -7.08 41.19
C TYR C 203 -4.87 -6.98 42.71
N ARG C 204 -4.35 -7.99 43.40
CA ARG C 204 -4.49 -8.02 44.85
C ARG C 204 -3.63 -6.96 45.53
N ALA C 205 -2.45 -6.67 44.97
CA ALA C 205 -1.61 -5.62 45.53
C ALA C 205 -2.26 -4.25 45.33
N ALA C 206 -2.75 -3.99 44.11
CA ALA C 206 -3.46 -2.73 43.87
C ALA C 206 -4.68 -2.61 44.77
N ALA C 207 -5.38 -3.72 45.00
CA ALA C 207 -6.57 -3.69 45.83
C ALA C 207 -6.23 -3.42 47.29
N ARG C 208 -5.16 -4.03 47.80
CA ARG C 208 -4.71 -3.75 49.16
C ARG C 208 -4.37 -2.27 49.33
N ARG C 209 -3.55 -1.74 48.40
CA ARG C 209 -3.14 -0.35 48.48
C ARG C 209 -4.34 0.60 48.41
N LEU C 210 -5.28 0.33 47.50
CA LEU C 210 -6.49 1.14 47.44
C LEU C 210 -7.31 1.02 48.72
N ARG C 211 -7.47 -0.21 49.22
CA ARG C 211 -8.44 -0.49 50.26
C ARG C 211 -8.02 0.11 51.60
N LYS C 212 -6.86 -0.27 52.11
CA LYS C 212 -6.56 0.06 53.50
C LYS C 212 -5.87 1.41 53.66
N LEU C 213 -5.63 2.13 52.56
CA LEU C 213 -4.74 3.28 52.55
C LEU C 213 -5.40 4.48 51.90
N GLY C 214 -6.60 4.85 52.37
CA GLY C 214 -7.35 5.92 51.74
C GLY C 214 -8.62 5.47 51.04
N LEU C 215 -8.56 5.33 49.71
CA LEU C 215 -9.75 5.17 48.87
C LEU C 215 -10.39 3.82 49.18
N HIS C 216 -11.21 3.81 50.24
CA HIS C 216 -11.74 2.57 50.81
C HIS C 216 -12.44 1.71 49.77
N ASP C 217 -13.16 2.33 48.84
CA ASP C 217 -13.69 1.66 47.66
C ASP C 217 -13.15 2.41 46.44
N PHE C 218 -13.74 2.12 45.27
CA PHE C 218 -13.12 2.22 43.95
C PHE C 218 -12.32 0.96 43.65
N ASP C 219 -12.46 -0.07 44.47
CA ASP C 219 -11.86 -1.38 44.17
C ASP C 219 -12.90 -2.46 44.45
N HIS C 220 -13.47 -3.02 43.38
CA HIS C 220 -14.44 -4.11 43.47
C HIS C 220 -13.79 -5.48 43.50
N PHE C 221 -12.55 -5.57 43.99
CA PHE C 221 -11.77 -6.80 43.92
C PHE C 221 -12.55 -8.01 44.43
N HIS C 222 -13.42 -7.81 45.42
CA HIS C 222 -14.28 -8.90 45.88
C HIS C 222 -15.46 -9.12 44.94
N SER C 223 -15.95 -8.06 44.29
CA SER C 223 -17.13 -8.16 43.44
C SER C 223 -16.85 -8.81 42.10
N LEU C 224 -15.59 -9.00 41.73
CA LEU C 224 -15.24 -9.44 40.38
C LEU C 224 -15.53 -10.93 40.20
N ALA C 225 -16.23 -11.26 39.11
CA ALA C 225 -16.47 -12.64 38.70
C ALA C 225 -15.58 -13.05 37.55
N ILE C 226 -14.72 -12.16 37.06
CA ILE C 226 -13.79 -12.45 35.98
C ILE C 226 -12.41 -12.59 36.61
N ARG C 227 -12.00 -13.84 36.86
CA ARG C 227 -10.83 -14.11 37.70
C ARG C 227 -9.82 -15.01 36.99
N GLY C 228 -8.64 -15.10 37.60
CA GLY C 228 -7.68 -16.13 37.26
C GLY C 228 -6.85 -15.91 36.01
N ASP C 229 -7.50 -15.99 34.85
CA ASP C 229 -6.81 -16.06 33.57
C ASP C 229 -7.16 -14.85 32.72
N MET C 230 -7.06 -13.66 33.32
CA MET C 230 -7.53 -12.38 32.78
C MET C 230 -7.35 -12.27 31.27
N PRO C 231 -6.14 -12.41 30.70
CA PRO C 231 -6.01 -12.21 29.24
C PRO C 231 -6.94 -13.09 28.41
N ASN C 232 -7.13 -14.36 28.81
CA ASN C 232 -8.06 -15.20 28.07
C ASN C 232 -9.51 -14.72 28.25
N GLN C 233 -9.84 -14.17 29.42
CA GLN C 233 -11.19 -13.66 29.61
C GLN C 233 -11.43 -12.40 28.78
N ILE C 234 -10.42 -11.52 28.68
CA ILE C 234 -10.51 -10.38 27.80
C ILE C 234 -10.66 -10.83 26.35
N VAL C 235 -9.94 -11.88 25.96
CA VAL C 235 -10.06 -12.43 24.61
C VAL C 235 -11.48 -12.94 24.38
N GLN C 236 -12.03 -13.67 25.35
CA GLN C 236 -13.38 -14.22 25.19
C GLN C 236 -14.40 -13.11 25.08
N ILE C 237 -14.27 -12.06 25.90
CA ILE C 237 -15.21 -10.94 25.83
C ILE C 237 -15.10 -10.24 24.49
N LEU C 238 -13.88 -9.99 24.02
CA LEU C 238 -13.69 -9.23 22.78
C LEU C 238 -14.08 -10.04 21.56
N THR C 239 -14.01 -11.37 21.63
CA THR C 239 -14.25 -12.22 20.47
C THR C 239 -15.67 -12.76 20.40
N GLN C 240 -16.20 -13.29 21.51
CA GLN C 240 -17.51 -13.91 21.52
C GLN C 240 -18.65 -12.93 21.77
N ASP C 241 -18.34 -11.72 22.24
CA ASP C 241 -19.37 -10.73 22.52
C ASP C 241 -19.28 -9.47 21.67
N HIS C 242 -18.08 -9.07 21.25
CA HIS C 242 -17.90 -7.82 20.54
C HIS C 242 -17.40 -8.01 19.11
N GLY C 243 -17.43 -9.24 18.59
CA GLY C 243 -17.19 -9.47 17.18
C GLY C 243 -15.78 -9.19 16.71
N MET C 244 -14.80 -9.29 17.58
CA MET C 244 -13.40 -9.13 17.18
C MET C 244 -12.75 -10.51 17.03
N GLU C 245 -11.58 -10.52 16.40
CA GLU C 245 -10.81 -11.73 16.20
C GLU C 245 -9.39 -11.50 16.67
N LEU C 246 -8.85 -12.42 17.46
CA LEU C 246 -7.44 -12.34 17.85
C LEU C 246 -6.57 -12.76 16.65
N ILE C 247 -5.79 -11.82 16.14
CA ILE C 247 -4.94 -12.08 14.99
C ILE C 247 -3.47 -12.24 15.37
N CYS C 248 -3.00 -11.53 16.40
CA CYS C 248 -1.61 -11.64 16.83
C CYS C 248 -1.56 -11.74 18.34
N CYS C 249 -0.44 -12.27 18.83
CA CYS C 249 -0.25 -12.48 20.26
C CYS C 249 1.24 -12.56 20.53
N PHE C 250 1.76 -11.62 21.31
CA PHE C 250 3.18 -11.56 21.66
C PHE C 250 3.29 -11.75 23.17
N GLY C 251 3.45 -13.01 23.58
CA GLY C 251 3.40 -13.39 24.97
C GLY C 251 2.69 -14.72 25.14
N ASN C 252 2.61 -15.23 26.36
CA ASN C 252 2.13 -16.58 26.60
C ASN C 252 0.75 -16.64 27.24
N THR C 253 0.24 -15.53 27.79
CA THR C 253 -0.91 -15.43 28.69
C THR C 253 -0.53 -15.89 30.09
N SER C 254 0.67 -16.44 30.29
CA SER C 254 1.19 -16.82 31.60
C SER C 254 2.61 -16.31 31.75
N TRP C 255 2.82 -15.04 31.37
CA TRP C 255 4.15 -14.43 31.33
C TRP C 255 4.21 -13.16 32.17
N ASP C 256 3.23 -12.97 33.06
CA ASP C 256 3.03 -11.77 33.88
C ASP C 256 2.51 -10.61 33.04
N ARG C 257 2.53 -10.76 31.71
CA ARG C 257 1.85 -9.87 30.78
C ARG C 257 2.04 -10.35 29.35
N SER C 258 1.06 -10.11 28.49
CA SER C 258 1.18 -10.46 27.08
C SER C 258 0.45 -9.41 26.25
N LEU C 259 0.98 -9.15 25.06
CA LEU C 259 0.40 -8.20 24.11
C LEU C 259 -0.49 -8.97 23.15
N LEU C 260 -1.76 -8.56 23.05
CA LEU C 260 -2.73 -9.25 22.21
C LEU C 260 -3.31 -8.27 21.20
N LEU C 261 -3.43 -8.73 19.94
CA LEU C 261 -3.89 -7.89 18.84
C LEU C 261 -5.20 -8.43 18.30
N PHE C 262 -6.19 -7.54 18.20
CA PHE C 262 -7.54 -7.86 17.77
C PHE C 262 -7.90 -7.08 16.52
N ARG C 263 -8.67 -7.71 15.65
CA ARG C 263 -9.20 -7.11 14.43
C ARG C 263 -10.71 -7.03 14.52
N ALA C 264 -11.28 -5.97 13.95
CA ALA C 264 -12.72 -5.80 13.93
C ALA C 264 -13.35 -6.55 12.76
N PRO D 34 0.91 -40.52 -13.68
CA PRO D 34 0.22 -41.59 -12.96
C PRO D 34 0.27 -41.42 -11.44
N GLY D 35 1.02 -40.42 -10.97
CA GLY D 35 1.06 -40.09 -9.56
C GLY D 35 0.04 -39.02 -9.23
N ALA D 36 -0.82 -39.32 -8.26
CA ALA D 36 -1.92 -38.44 -7.89
C ALA D 36 -1.61 -37.60 -6.66
N ALA D 37 -0.37 -37.65 -6.15
CA ALA D 37 0.10 -36.83 -5.04
C ALA D 37 -0.78 -37.03 -3.81
N PRO D 38 -0.69 -38.19 -3.15
CA PRO D 38 -1.55 -38.49 -2.00
C PRO D 38 -1.11 -37.86 -0.69
N PHE D 39 0.03 -37.17 -0.66
CA PHE D 39 0.53 -36.55 0.56
C PHE D 39 0.52 -35.03 0.49
N GLY D 40 0.12 -34.45 -0.63
CA GLY D 40 0.22 -33.03 -0.85
C GLY D 40 1.25 -32.61 -1.88
N ASN D 41 1.69 -33.53 -2.74
CA ASN D 41 2.75 -33.26 -3.72
C ASN D 41 2.20 -32.52 -4.93
N PHE D 42 1.66 -31.32 -4.67
CA PHE D 42 1.13 -30.48 -5.74
C PHE D 42 2.17 -29.45 -6.11
N PRO D 43 2.74 -29.49 -7.32
CA PRO D 43 3.89 -28.62 -7.63
C PRO D 43 3.54 -27.14 -7.57
N HIS D 44 4.47 -26.35 -7.02
CA HIS D 44 4.34 -24.90 -6.89
C HIS D 44 3.08 -24.54 -6.09
N TYR D 45 3.15 -24.88 -4.80
CA TYR D 45 2.06 -24.67 -3.87
C TYR D 45 1.88 -23.18 -3.58
N SER D 46 1.82 -22.41 -4.66
CA SER D 46 1.66 -20.97 -4.60
C SER D 46 0.30 -20.50 -5.12
N ARG D 47 -0.62 -21.44 -5.32
CA ARG D 47 -1.90 -21.09 -5.91
C ARG D 47 -2.93 -20.75 -4.84
N PHE D 48 -3.39 -19.50 -4.88
CA PHE D 48 -4.37 -18.95 -3.95
C PHE D 48 -3.65 -18.44 -2.71
N HIS D 49 -2.35 -18.74 -2.62
CA HIS D 49 -1.52 -18.21 -1.55
C HIS D 49 -0.05 -18.08 -1.99
N PRO D 50 0.27 -16.97 -2.65
CA PRO D 50 1.66 -16.68 -2.95
C PRO D 50 2.44 -16.61 -1.64
N PRO D 51 3.70 -16.98 -1.63
CA PRO D 51 4.36 -17.22 -0.34
C PRO D 51 4.39 -16.00 0.56
N GLU D 52 4.62 -14.84 -0.01
CA GLU D 52 4.85 -13.63 0.78
C GLU D 52 3.69 -13.29 1.71
N GLN D 53 2.46 -13.60 1.30
CA GLN D 53 1.28 -13.17 2.04
C GLN D 53 1.27 -13.85 3.41
N ARG D 54 1.67 -15.12 3.50
CA ARG D 54 1.77 -15.75 4.82
C ARG D 54 2.65 -14.93 5.80
N LEU D 55 3.84 -14.62 5.28
CA LEU D 55 4.86 -13.89 6.01
C LEU D 55 4.58 -12.48 6.53
N ARG D 56 3.59 -11.81 5.96
CA ARG D 56 3.37 -10.40 6.24
C ARG D 56 3.19 -10.12 7.73
N LEU D 57 2.38 -10.92 8.41
CA LEU D 57 2.28 -10.79 9.85
C LEU D 57 3.35 -11.55 10.62
N LEU D 58 4.39 -12.05 9.94
CA LEU D 58 5.55 -12.62 10.60
C LEU D 58 6.58 -11.53 10.84
N PRO D 59 7.03 -11.32 12.08
CA PRO D 59 8.05 -10.30 12.32
C PRO D 59 9.38 -10.71 11.70
N PRO D 60 9.90 -9.91 10.77
CA PRO D 60 11.21 -10.25 10.16
C PRO D 60 12.35 -10.29 11.17
N GLU D 61 12.17 -9.72 12.36
CA GLU D 61 13.16 -9.79 13.42
C GLU D 61 12.96 -11.00 14.31
N LEU D 62 12.31 -12.06 13.80
CA LEU D 62 12.10 -13.24 14.63
C LEU D 62 13.42 -13.81 15.12
N LEU D 63 14.36 -14.05 14.20
CA LEU D 63 15.62 -14.68 14.59
C LEU D 63 16.43 -13.78 15.52
N ARG D 64 16.29 -12.46 15.39
CA ARG D 64 17.00 -11.57 16.29
C ARG D 64 16.42 -11.61 17.70
N GLN D 65 15.09 -11.59 17.81
CA GLN D 65 14.45 -11.71 19.13
C GLN D 65 14.65 -13.10 19.73
N LEU D 66 14.82 -14.12 18.90
CA LEU D 66 14.86 -15.50 19.37
C LEU D 66 16.27 -15.94 19.72
N PHE D 67 17.25 -15.64 18.88
CA PHE D 67 18.59 -16.20 19.04
C PHE D 67 19.59 -15.10 19.33
N PRO D 68 20.45 -15.29 20.33
CA PRO D 68 21.44 -14.25 20.65
C PRO D 68 22.52 -14.16 19.60
N GLU D 69 23.15 -13.00 19.53
CA GLU D 69 24.24 -12.77 18.58
C GLU D 69 25.59 -13.12 19.20
N SER D 70 25.68 -14.38 19.61
CA SER D 70 26.92 -14.95 20.13
C SER D 70 27.44 -16.01 19.16
N PRO D 71 28.44 -15.71 18.33
CA PRO D 71 28.92 -16.70 17.35
C PRO D 71 29.57 -17.93 17.98
N GLU D 72 29.62 -18.03 19.31
CA GLU D 72 30.07 -19.27 19.93
C GLU D 72 29.09 -20.41 19.62
N ASN D 73 27.80 -20.17 19.84
CA ASN D 73 26.80 -21.12 19.41
C ASN D 73 26.88 -21.33 17.90
N GLY D 74 26.53 -22.53 17.46
CA GLY D 74 26.57 -22.86 16.05
C GLY D 74 25.66 -21.97 15.23
N PRO D 75 25.79 -22.04 13.91
CA PRO D 75 24.87 -21.31 13.05
C PRO D 75 23.43 -21.70 13.34
N ILE D 76 22.52 -20.73 13.21
CA ILE D 76 21.12 -20.98 13.48
C ILE D 76 20.59 -21.99 12.47
N LEU D 77 20.24 -23.18 12.96
CA LEU D 77 19.82 -24.27 12.12
C LEU D 77 18.29 -24.35 12.10
N GLY D 78 17.73 -24.47 10.91
CA GLY D 78 16.29 -24.60 10.74
C GLY D 78 15.96 -25.93 10.09
N LEU D 79 14.83 -26.49 10.49
CA LEU D 79 14.30 -27.72 9.89
C LEU D 79 12.93 -27.40 9.29
N ASP D 80 12.85 -27.34 7.96
CA ASP D 80 11.61 -27.01 7.28
C ASP D 80 11.00 -28.31 6.77
N VAL D 81 9.93 -28.77 7.43
CA VAL D 81 9.29 -30.03 7.08
C VAL D 81 8.20 -29.77 6.07
N GLY D 82 8.27 -30.43 4.92
CA GLY D 82 7.27 -30.27 3.88
C GLY D 82 7.56 -29.13 2.93
N CYS D 83 8.75 -29.11 2.35
CA CYS D 83 9.13 -28.09 1.36
C CYS D 83 8.67 -28.57 -0.01
N ASN D 84 7.43 -28.24 -0.35
CA ASN D 84 6.84 -28.74 -1.59
C ASN D 84 7.67 -28.35 -2.81
N SER D 85 7.76 -27.06 -3.10
CA SER D 85 8.49 -26.58 -4.26
C SER D 85 9.59 -25.60 -3.88
N GLY D 86 9.93 -25.50 -2.59
CA GLY D 86 10.91 -24.53 -2.14
C GLY D 86 10.41 -23.10 -2.12
N ASP D 87 9.16 -22.86 -2.51
CA ASP D 87 8.62 -21.49 -2.49
C ASP D 87 8.69 -20.91 -1.08
N LEU D 88 8.06 -21.59 -0.11
CA LEU D 88 7.97 -21.05 1.23
C LEU D 88 9.32 -21.05 1.94
N SER D 89 10.18 -22.03 1.64
CA SER D 89 11.50 -22.05 2.26
C SER D 89 12.30 -20.81 1.87
N VAL D 90 12.37 -20.51 0.57
CA VAL D 90 13.08 -19.32 0.12
C VAL D 90 12.40 -18.05 0.61
N ALA D 91 11.06 -18.03 0.57
CA ALA D 91 10.33 -16.86 1.04
C ALA D 91 10.64 -16.57 2.50
N LEU D 92 10.75 -17.62 3.33
CA LEU D 92 11.05 -17.46 4.74
C LEU D 92 12.53 -17.14 4.97
N TYR D 93 13.40 -17.56 4.05
CA TYR D 93 14.82 -17.25 4.21
C TYR D 93 15.09 -15.77 4.02
N LYS D 94 14.51 -15.17 2.97
CA LYS D 94 14.70 -13.75 2.73
C LYS D 94 13.80 -12.88 3.61
N HIS D 95 12.68 -13.42 4.06
CA HIS D 95 11.78 -12.65 4.92
C HIS D 95 12.43 -12.33 6.26
N PHE D 96 13.22 -13.26 6.78
CA PHE D 96 13.89 -13.04 8.06
C PHE D 96 15.03 -12.03 7.89
N LEU D 97 15.34 -11.34 8.98
CA LEU D 97 16.45 -10.40 9.01
C LEU D 97 17.64 -11.06 9.69
N SER D 98 18.80 -10.97 9.03
CA SER D 98 19.98 -11.66 9.49
C SER D 98 20.44 -11.12 10.84
N LEU D 99 21.39 -11.84 11.45
CA LEU D 99 22.00 -11.42 12.70
C LEU D 99 23.31 -10.68 12.51
N ALA D 100 24.01 -10.93 11.40
CA ALA D 100 25.34 -10.44 11.07
C ALA D 100 26.42 -11.05 11.96
N SER D 101 26.06 -11.92 12.90
CA SER D 101 27.02 -12.68 13.70
C SER D 101 26.86 -14.17 13.52
N ARG D 102 25.63 -14.68 13.60
CA ARG D 102 25.32 -16.07 13.30
C ARG D 102 24.63 -16.16 11.95
N GLU D 103 24.96 -17.18 11.19
CA GLU D 103 24.28 -17.42 9.91
C GLU D 103 23.13 -18.39 10.10
N PHE D 104 22.22 -18.39 9.12
CA PHE D 104 20.99 -19.19 9.17
C PHE D 104 21.05 -20.30 8.14
N ARG D 105 21.23 -21.53 8.61
CA ARG D 105 21.21 -22.70 7.74
C ARG D 105 19.95 -23.54 7.86
N LEU D 106 19.31 -23.79 6.71
CA LEU D 106 17.97 -24.36 6.67
C LEU D 106 17.98 -25.67 5.88
N LEU D 107 17.67 -26.76 6.56
CA LEU D 107 17.48 -28.05 5.93
C LEU D 107 16.00 -28.24 5.65
N CYS D 108 15.64 -28.27 4.37
CA CYS D 108 14.26 -28.45 3.93
C CYS D 108 14.09 -29.90 3.47
N CYS D 109 13.10 -30.58 4.02
CA CYS D 109 12.85 -31.98 3.66
C CYS D 109 11.41 -32.25 3.26
N ASP D 110 11.20 -32.93 2.12
CA ASP D 110 9.87 -33.32 1.60
C ASP D 110 9.91 -34.83 1.28
N ILE D 111 8.75 -35.42 1.04
CA ILE D 111 8.58 -36.86 0.86
C ILE D 111 8.63 -37.29 -0.61
N ASP D 112 8.39 -36.35 -1.52
CA ASP D 112 8.39 -36.66 -2.94
C ASP D 112 9.72 -36.25 -3.55
N PRO D 113 10.57 -37.19 -4.00
CA PRO D 113 11.90 -36.81 -4.50
C PRO D 113 11.87 -35.90 -5.71
N VAL D 114 10.84 -36.01 -6.56
CA VAL D 114 10.71 -35.08 -7.69
C VAL D 114 10.64 -33.65 -7.18
N LEU D 115 9.85 -33.43 -6.12
CA LEU D 115 9.66 -32.09 -5.59
C LEU D 115 10.96 -31.53 -5.01
N VAL D 116 11.72 -32.36 -4.28
CA VAL D 116 12.96 -31.88 -3.71
C VAL D 116 14.01 -31.66 -4.79
N LYS D 117 13.98 -32.45 -5.87
CA LYS D 117 14.90 -32.19 -6.98
C LYS D 117 14.59 -30.87 -7.65
N ARG D 118 13.31 -30.60 -7.89
CA ARG D 118 12.92 -29.30 -8.46
C ARG D 118 13.32 -28.16 -7.53
N ALA D 119 13.08 -28.30 -6.23
CA ALA D 119 13.43 -27.25 -5.28
C ALA D 119 14.94 -27.04 -5.23
N GLU D 120 15.72 -28.13 -5.31
CA GLU D 120 17.16 -28.01 -5.31
C GLU D 120 17.78 -27.30 -6.50
N LYS D 121 17.16 -27.39 -7.68
CA LYS D 121 17.65 -26.66 -8.83
C LYS D 121 17.08 -25.22 -8.97
N GLU D 122 15.97 -24.96 -8.28
CA GLU D 122 15.29 -23.67 -8.37
C GLU D 122 15.72 -22.80 -7.20
N CYS D 123 16.47 -23.34 -6.25
CA CYS D 123 16.82 -22.60 -5.04
C CYS D 123 17.91 -21.58 -5.32
N PRO D 124 17.65 -20.28 -5.16
CA PRO D 124 18.71 -19.30 -5.33
C PRO D 124 19.54 -19.08 -4.07
N PHE D 125 19.85 -20.17 -3.36
CA PHE D 125 20.65 -20.16 -2.14
C PHE D 125 21.20 -21.55 -1.89
N PRO D 126 22.11 -22.05 -2.73
CA PRO D 126 22.62 -23.41 -2.51
C PRO D 126 23.41 -23.55 -1.22
N ASP D 127 24.08 -22.47 -0.80
CA ASP D 127 24.89 -22.42 0.41
C ASP D 127 24.07 -22.37 1.68
N ALA D 128 22.77 -22.08 1.59
CA ALA D 128 21.95 -21.82 2.77
C ALA D 128 20.78 -22.78 2.93
N LEU D 129 20.29 -23.36 1.84
CA LEU D 129 19.14 -24.26 1.90
C LEU D 129 19.55 -25.60 1.32
N THR D 130 19.43 -26.66 2.14
CA THR D 130 19.76 -28.02 1.72
C THR D 130 18.49 -28.85 1.68
N PHE D 131 18.15 -29.36 0.49
CA PHE D 131 16.91 -30.08 0.28
C PHE D 131 17.16 -31.58 0.26
N ILE D 132 16.35 -32.33 1.01
CA ILE D 132 16.50 -33.78 1.08
C ILE D 132 15.13 -34.45 1.02
N THR D 133 15.12 -35.69 0.52
CA THR D 133 13.93 -36.52 0.47
C THR D 133 13.82 -37.29 1.78
N LEU D 134 12.69 -37.15 2.47
CA LEU D 134 12.53 -37.74 3.79
C LEU D 134 11.06 -37.91 4.11
N ASP D 135 10.68 -39.12 4.50
CA ASP D 135 9.35 -39.39 5.07
C ASP D 135 9.49 -39.23 6.57
N PHE D 136 9.04 -38.09 7.09
CA PHE D 136 9.21 -37.78 8.50
C PHE D 136 8.57 -38.82 9.42
N MET D 137 7.56 -39.54 8.95
CA MET D 137 6.85 -40.48 9.80
C MET D 137 7.61 -41.78 10.05
N ASN D 138 8.63 -42.08 9.24
CA ASN D 138 9.45 -43.26 9.44
C ASN D 138 10.59 -42.91 10.39
N GLN D 139 10.70 -43.65 11.49
CA GLN D 139 11.64 -43.27 12.54
C GLN D 139 13.09 -43.48 12.11
N ARG D 140 13.39 -44.61 11.47
CA ARG D 140 14.77 -44.91 11.11
C ARG D 140 15.31 -43.91 10.10
N THR D 141 14.60 -43.73 8.99
CA THR D 141 15.06 -42.81 7.95
C THR D 141 15.16 -41.39 8.49
N ARG D 142 14.17 -40.95 9.27
CA ARG D 142 14.22 -39.60 9.83
C ARG D 142 15.42 -39.42 10.74
N LYS D 143 15.60 -40.35 11.68
CA LYS D 143 16.74 -40.28 12.58
C LYS D 143 18.04 -40.16 11.80
N VAL D 144 18.22 -41.05 10.81
CA VAL D 144 19.50 -41.09 10.10
C VAL D 144 19.72 -39.82 9.30
N LEU D 145 18.70 -39.34 8.58
CA LEU D 145 18.89 -38.18 7.73
C LEU D 145 19.10 -36.90 8.54
N LEU D 146 18.26 -36.70 9.56
CA LEU D 146 18.41 -35.49 10.37
C LEU D 146 19.71 -35.52 11.18
N SER D 147 20.13 -36.70 11.65
CA SER D 147 21.42 -36.81 12.32
C SER D 147 22.56 -36.52 11.36
N SER D 148 22.45 -36.98 10.11
CA SER D 148 23.50 -36.71 9.14
C SER D 148 23.60 -35.22 8.84
N PHE D 149 22.46 -34.52 8.80
CA PHE D 149 22.51 -33.08 8.58
C PHE D 149 23.09 -32.36 9.80
N LEU D 150 22.66 -32.74 11.00
CA LEU D 150 23.09 -32.03 12.20
C LEU D 150 24.53 -32.33 12.58
N SER D 151 25.08 -33.48 12.16
CA SER D 151 26.45 -33.83 12.51
C SER D 151 27.47 -32.87 11.90
N GLN D 152 27.10 -32.15 10.84
CA GLN D 152 28.02 -31.21 10.22
C GLN D 152 28.33 -30.01 11.10
N PHE D 153 27.53 -29.80 12.15
CA PHE D 153 27.74 -28.68 13.07
C PHE D 153 27.87 -29.15 14.52
N GLY D 154 28.04 -30.46 14.74
CA GLY D 154 28.08 -30.97 16.10
C GLY D 154 26.82 -30.71 16.88
N ARG D 155 25.68 -30.59 16.20
CA ARG D 155 24.41 -30.30 16.85
C ARG D 155 23.58 -31.57 16.97
N SER D 156 22.73 -31.60 18.02
CA SER D 156 21.83 -32.71 18.24
C SER D 156 20.37 -32.36 17.99
N VAL D 157 20.02 -31.07 18.00
CA VAL D 157 18.66 -30.61 17.75
C VAL D 157 18.71 -29.38 16.85
N PHE D 158 17.56 -29.02 16.32
CA PHE D 158 17.45 -27.86 15.45
C PHE D 158 17.13 -26.61 16.26
N ASP D 159 17.69 -25.48 15.82
CA ASP D 159 17.40 -24.22 16.51
C ASP D 159 15.95 -23.81 16.32
N ILE D 160 15.46 -23.86 15.08
CA ILE D 160 14.07 -23.49 14.80
C ILE D 160 13.50 -24.48 13.78
N GLY D 161 12.22 -24.79 13.94
CA GLY D 161 11.54 -25.70 13.05
C GLY D 161 10.34 -25.03 12.39
N PHE D 162 10.04 -25.44 11.17
CA PHE D 162 8.97 -24.87 10.38
C PHE D 162 8.03 -25.99 9.93
N CYS D 163 6.76 -25.85 10.31
CA CYS D 163 5.72 -26.85 10.13
C CYS D 163 4.51 -26.21 9.43
N MET D 164 4.77 -25.56 8.30
CA MET D 164 3.77 -24.76 7.61
C MET D 164 2.91 -25.64 6.71
N SER D 165 1.60 -25.63 6.95
CA SER D 165 0.61 -26.28 6.08
C SER D 165 0.97 -27.74 5.80
N ILE D 166 1.44 -28.43 6.83
CA ILE D 166 1.70 -29.86 6.74
C ILE D 166 0.87 -30.66 7.75
N THR D 167 0.36 -30.01 8.80
CA THR D 167 -0.48 -30.69 9.79
C THR D 167 -1.65 -31.44 9.14
N MET D 168 -2.28 -30.84 8.13
CA MET D 168 -3.47 -31.43 7.53
C MET D 168 -3.17 -32.79 6.91
N TRP D 169 -2.10 -32.87 6.13
CA TRP D 169 -1.81 -34.11 5.39
C TRP D 169 -1.33 -35.21 6.33
N ILE D 170 -0.48 -34.88 7.30
CA ILE D 170 -0.07 -35.85 8.31
C ILE D 170 -1.29 -36.37 9.05
N HIS D 171 -2.20 -35.47 9.41
CA HIS D 171 -3.44 -35.87 10.06
C HIS D 171 -4.23 -36.84 9.20
N LEU D 172 -4.53 -36.44 7.96
CA LEU D 172 -5.37 -37.26 7.09
C LEU D 172 -4.71 -38.58 6.73
N ASN D 173 -3.37 -38.68 6.81
CA ASN D 173 -2.69 -39.91 6.43
C ASN D 173 -2.35 -40.82 7.61
N HIS D 174 -2.37 -40.31 8.84
CA HIS D 174 -2.00 -41.16 9.97
C HIS D 174 -2.91 -40.98 11.18
N GLY D 175 -4.10 -40.42 11.02
CA GLY D 175 -4.98 -40.26 12.16
C GLY D 175 -4.46 -39.35 13.24
N ASP D 176 -5.25 -39.28 14.33
CA ASP D 176 -4.84 -38.48 15.48
C ASP D 176 -3.52 -38.95 16.06
N HIS D 177 -3.25 -40.26 16.01
CA HIS D 177 -2.02 -40.76 16.61
C HIS D 177 -0.80 -40.35 15.80
N GLY D 178 -0.88 -40.36 14.48
CA GLY D 178 0.22 -39.86 13.68
C GLY D 178 0.40 -38.37 13.84
N LEU D 179 -0.69 -37.62 13.95
CA LEU D 179 -0.56 -36.20 14.25
C LEU D 179 0.18 -35.99 15.58
N TRP D 180 -0.20 -36.77 16.59
CA TRP D 180 0.42 -36.66 17.92
C TRP D 180 1.90 -37.00 17.86
N GLU D 181 2.25 -38.10 17.19
CA GLU D 181 3.65 -38.51 17.11
C GLU D 181 4.47 -37.51 16.31
N PHE D 182 3.90 -36.97 15.23
CA PHE D 182 4.58 -35.95 14.44
C PHE D 182 4.89 -34.73 15.29
N LEU D 183 3.89 -34.25 16.04
CA LEU D 183 4.11 -33.10 16.91
C LEU D 183 5.12 -33.42 18.01
N ALA D 184 5.11 -34.65 18.51
CA ALA D 184 6.06 -35.03 19.55
C ALA D 184 7.49 -35.04 19.03
N HIS D 185 7.70 -35.59 17.84
CA HIS D 185 9.04 -35.62 17.26
C HIS D 185 9.53 -34.22 16.93
N LEU D 186 8.64 -33.38 16.38
CA LEU D 186 9.00 -31.98 16.13
C LEU D 186 9.35 -31.26 17.43
N SER D 187 8.63 -31.59 18.51
CA SER D 187 8.88 -30.95 19.80
C SER D 187 10.23 -31.34 20.35
N SER D 188 10.52 -32.65 20.39
CA SER D 188 11.80 -33.12 20.88
C SER D 188 12.93 -32.95 19.88
N LEU D 189 12.66 -32.34 18.72
CA LEU D 189 13.69 -32.10 17.72
C LEU D 189 14.01 -30.63 17.50
N CYS D 190 13.28 -29.71 18.13
CA CYS D 190 13.48 -28.28 17.89
C CYS D 190 13.37 -27.51 19.21
N HIS D 191 14.15 -26.43 19.30
CA HIS D 191 14.08 -25.54 20.45
C HIS D 191 12.89 -24.60 20.35
N TYR D 192 12.61 -24.11 19.14
CA TYR D 192 11.36 -23.42 18.85
C TYR D 192 10.77 -23.99 17.57
N LEU D 193 9.45 -23.93 17.49
CA LEU D 193 8.70 -24.58 16.41
C LEU D 193 7.57 -23.66 15.98
N LEU D 194 7.58 -23.24 14.72
CA LEU D 194 6.52 -22.42 14.17
C LEU D 194 5.67 -23.28 13.25
N VAL D 195 4.45 -23.53 13.67
CA VAL D 195 3.50 -24.37 12.94
C VAL D 195 2.48 -23.48 12.26
N GLU D 196 1.98 -23.92 11.11
CA GLU D 196 0.90 -23.23 10.40
C GLU D 196 -0.15 -24.28 10.06
N PRO D 197 -0.98 -24.66 11.04
CA PRO D 197 -1.93 -25.76 10.82
C PRO D 197 -3.12 -25.31 9.98
N GLN D 198 -3.47 -26.13 9.00
CA GLN D 198 -4.68 -25.87 8.23
C GLN D 198 -5.90 -26.11 9.11
N PRO D 199 -6.91 -25.24 9.04
CA PRO D 199 -8.12 -25.45 9.84
C PRO D 199 -8.96 -26.59 9.28
N TRP D 200 -9.99 -26.94 10.03
CA TRP D 200 -10.92 -27.99 9.61
C TRP D 200 -11.67 -27.66 8.33
N LYS D 201 -11.60 -26.40 7.87
CA LYS D 201 -12.27 -26.02 6.63
C LYS D 201 -11.74 -26.80 5.45
N CYS D 202 -10.44 -27.04 5.40
CA CYS D 202 -9.80 -27.66 4.24
C CYS D 202 -9.73 -29.19 4.34
N TYR D 203 -10.02 -29.76 5.51
CA TYR D 203 -9.95 -31.21 5.65
C TYR D 203 -10.94 -31.91 4.74
N ARG D 204 -12.18 -31.39 4.69
CA ARG D 204 -13.20 -31.99 3.84
C ARG D 204 -12.78 -31.99 2.38
N ALA D 205 -12.23 -30.87 1.90
CA ALA D 205 -11.84 -30.77 0.50
C ALA D 205 -10.65 -31.68 0.18
N ALA D 206 -9.63 -31.67 1.05
CA ALA D 206 -8.46 -32.52 0.83
C ALA D 206 -8.87 -33.98 0.80
N ALA D 207 -9.71 -34.39 1.75
CA ALA D 207 -10.27 -35.74 1.72
C ALA D 207 -10.97 -36.00 0.39
N ARG D 208 -11.98 -35.19 0.08
CA ARG D 208 -12.79 -35.41 -1.12
C ARG D 208 -11.99 -35.63 -2.39
N ARG D 209 -10.94 -34.83 -2.61
CA ARG D 209 -10.03 -35.13 -3.71
C ARG D 209 -9.35 -36.48 -3.53
N LEU D 210 -8.77 -36.71 -2.34
CA LEU D 210 -8.11 -38.00 -2.09
C LEU D 210 -9.14 -39.11 -1.98
N ARG D 211 -10.39 -38.78 -1.62
CA ARG D 211 -11.34 -39.79 -1.17
C ARG D 211 -11.77 -40.72 -2.31
N LYS D 212 -12.44 -40.18 -3.32
CA LYS D 212 -13.04 -40.97 -4.38
C LYS D 212 -12.33 -40.80 -5.71
N LEU D 213 -11.15 -40.20 -5.71
CA LEU D 213 -10.39 -39.98 -6.93
C LEU D 213 -9.07 -40.75 -6.88
N GLY D 214 -9.13 -41.99 -6.38
CA GLY D 214 -8.04 -42.95 -6.49
C GLY D 214 -7.43 -43.37 -5.16
N LEU D 215 -7.48 -42.51 -4.15
CA LEU D 215 -6.63 -42.70 -2.98
C LEU D 215 -7.40 -42.80 -1.68
N HIS D 216 -8.46 -43.63 -1.64
CA HIS D 216 -9.20 -43.82 -0.41
C HIS D 216 -8.34 -44.41 0.71
N ASP D 217 -7.17 -44.96 0.38
CA ASP D 217 -6.33 -45.60 1.38
C ASP D 217 -5.71 -44.60 2.33
N PHE D 218 -5.48 -43.36 1.88
CA PHE D 218 -4.83 -42.35 2.68
C PHE D 218 -5.82 -41.34 3.27
N ASP D 219 -7.10 -41.67 3.28
CA ASP D 219 -8.14 -40.78 3.80
C ASP D 219 -8.57 -41.29 5.18
N HIS D 220 -8.22 -40.53 6.21
CA HIS D 220 -8.58 -40.84 7.59
C HIS D 220 -9.65 -39.88 8.12
N PHE D 221 -10.47 -39.33 7.23
CA PHE D 221 -11.44 -38.30 7.63
C PHE D 221 -12.40 -38.83 8.68
N HIS D 222 -13.02 -39.99 8.42
CA HIS D 222 -13.92 -40.58 9.41
C HIS D 222 -13.18 -41.07 10.64
N SER D 223 -11.88 -41.36 10.52
CA SER D 223 -11.10 -41.90 11.62
C SER D 223 -10.65 -40.84 12.63
N LEU D 224 -10.96 -39.57 12.39
CA LEU D 224 -10.44 -38.49 13.22
C LEU D 224 -11.38 -38.19 14.38
N ALA D 225 -10.78 -37.82 15.52
CA ALA D 225 -11.49 -37.27 16.65
C ALA D 225 -11.10 -35.83 16.98
N ILE D 226 -9.96 -35.37 16.47
CA ILE D 226 -9.51 -34.00 16.64
C ILE D 226 -10.12 -33.18 15.52
N ARG D 227 -11.04 -32.27 15.85
CA ARG D 227 -11.81 -31.56 14.84
C ARG D 227 -12.05 -30.12 15.27
N GLY D 228 -12.25 -29.26 14.28
CA GLY D 228 -12.74 -27.91 14.53
C GLY D 228 -11.70 -26.97 15.07
N ASP D 229 -11.35 -27.17 16.34
CA ASP D 229 -10.38 -26.30 17.03
C ASP D 229 -8.97 -26.76 16.68
N MET D 230 -8.63 -26.64 15.40
CA MET D 230 -7.35 -27.18 14.94
C MET D 230 -6.16 -26.43 15.52
N PRO D 231 -6.05 -25.10 15.42
CA PRO D 231 -4.91 -24.43 16.06
C PRO D 231 -4.86 -24.65 17.55
N ASN D 232 -6.00 -24.53 18.24
CA ASN D 232 -6.02 -24.77 19.68
C ASN D 232 -5.71 -26.21 20.02
N GLN D 233 -6.09 -27.16 19.16
CA GLN D 233 -5.78 -28.56 19.43
C GLN D 233 -4.28 -28.81 19.32
N ILE D 234 -3.65 -28.29 18.26
CA ILE D 234 -2.20 -28.41 18.14
C ILE D 234 -1.53 -27.74 19.33
N VAL D 235 -2.04 -26.58 19.74
CA VAL D 235 -1.46 -25.85 20.87
C VAL D 235 -1.53 -26.70 22.13
N GLN D 236 -2.71 -27.25 22.43
CA GLN D 236 -2.87 -28.03 23.65
C GLN D 236 -2.02 -29.29 23.62
N ILE D 237 -1.98 -29.99 22.48
CA ILE D 237 -1.16 -31.19 22.36
C ILE D 237 0.29 -30.86 22.66
N LEU D 238 0.83 -29.83 22.00
CA LEU D 238 2.25 -29.50 22.19
C LEU D 238 2.52 -29.02 23.61
N THR D 239 1.64 -28.20 24.17
CA THR D 239 1.92 -27.57 25.46
C THR D 239 1.76 -28.54 26.62
N GLN D 240 0.82 -29.50 26.52
CA GLN D 240 0.55 -30.42 27.62
C GLN D 240 1.28 -31.74 27.50
N ASP D 241 1.40 -32.28 26.28
CA ASP D 241 1.99 -33.61 26.13
C ASP D 241 3.50 -33.57 25.89
N HIS D 242 4.02 -32.49 25.31
CA HIS D 242 5.43 -32.46 24.92
C HIS D 242 6.18 -31.28 25.53
N GLY D 243 5.64 -30.69 26.59
CA GLY D 243 6.34 -29.64 27.33
C GLY D 243 6.82 -28.49 26.48
N MET D 244 5.89 -27.72 25.93
CA MET D 244 6.23 -26.62 25.03
C MET D 244 5.39 -25.40 25.40
N GLU D 245 5.99 -24.22 25.33
CA GLU D 245 5.33 -22.98 25.68
C GLU D 245 4.90 -22.24 24.43
N LEU D 246 3.66 -21.74 24.41
CA LEU D 246 3.17 -20.94 23.29
C LEU D 246 3.66 -19.51 23.49
N ILE D 247 4.68 -19.12 22.74
CA ILE D 247 5.32 -17.82 22.95
C ILE D 247 4.64 -16.72 22.13
N CYS D 248 4.31 -16.99 20.87
CA CYS D 248 3.77 -15.96 20.00
C CYS D 248 2.80 -16.58 19.00
N CYS D 249 1.69 -15.90 18.78
CA CYS D 249 0.74 -16.24 17.73
C CYS D 249 0.71 -15.12 16.70
N PHE D 250 0.78 -15.49 15.43
CA PHE D 250 0.66 -14.56 14.32
C PHE D 250 -0.54 -14.95 13.47
N GLY D 251 -0.85 -14.15 12.46
CA GLY D 251 -2.07 -14.39 11.72
C GLY D 251 -2.05 -14.06 10.25
N ASN D 252 -3.23 -13.98 9.65
CA ASN D 252 -3.38 -13.68 8.24
C ASN D 252 -4.75 -13.04 8.00
N ASP D 256 -8.08 -16.03 8.60
CA ASP D 256 -7.67 -17.09 7.69
C ASP D 256 -6.93 -18.19 8.45
N ARG D 257 -5.61 -18.08 8.46
CA ARG D 257 -4.74 -19.07 9.09
C ARG D 257 -3.87 -18.41 10.15
N SER D 258 -3.52 -19.18 11.16
CA SER D 258 -2.69 -18.70 12.27
C SER D 258 -1.44 -19.56 12.36
N LEU D 259 -0.28 -18.90 12.43
CA LEU D 259 1.00 -19.57 12.60
C LEU D 259 1.49 -19.34 14.02
N LEU D 260 1.68 -20.42 14.76
CA LEU D 260 1.97 -20.38 16.18
C LEU D 260 3.43 -20.72 16.46
N LEU D 261 4.04 -19.98 17.38
CA LEU D 261 5.43 -20.18 17.77
C LEU D 261 5.48 -20.82 19.15
N PHE D 262 6.21 -21.93 19.25
CA PHE D 262 6.34 -22.70 20.48
C PHE D 262 7.81 -22.81 20.86
N ARG D 263 8.06 -22.97 22.16
CA ARG D 263 9.41 -23.04 22.69
C ARG D 263 9.57 -24.28 23.57
N ALA D 264 10.64 -25.03 23.34
CA ALA D 264 10.97 -26.18 24.17
C ALA D 264 11.45 -25.74 25.55
N SAH E . 9.93 -0.01 -27.62
CA SAH E . 11.36 0.08 -27.73
CB SAH E . 11.77 -0.19 -29.18
CG SAH E . 10.82 0.48 -30.15
SD SAH E . 11.13 -0.14 -31.76
C SAH E . 11.82 1.45 -27.34
O SAH E . 11.01 2.40 -27.45
OXT SAH E . 12.98 1.59 -26.90
C5' SAH E . 9.67 -1.10 -32.02
C4' SAH E . 10.00 -2.54 -31.67
O4' SAH E . 8.85 -3.35 -31.83
C3' SAH E . 11.07 -3.11 -32.58
O3' SAH E . 12.24 -3.42 -31.82
C2' SAH E . 10.50 -4.38 -33.14
O2' SAH E . 11.43 -5.45 -32.88
C1' SAH E . 9.22 -4.62 -32.37
N9 SAH E . 8.13 -5.12 -33.22
C8 SAH E . 7.79 -4.68 -34.44
N7 SAH E . 6.74 -5.37 -34.93
C5 SAH E . 6.38 -6.28 -34.01
C6 SAH E . 5.35 -7.33 -33.89
N6 SAH E . 4.44 -7.56 -34.87
N1 SAH E . 5.32 -8.05 -32.75
C2 SAH E . 6.20 -7.84 -31.76
N3 SAH E . 7.15 -6.91 -31.80
C4 SAH E . 7.30 -6.11 -32.88
N SAH F . -9.90 24.82 -4.77
CA SAH F . -10.40 24.67 -3.41
CB SAH F . -11.51 25.66 -3.12
CG SAH F . -12.25 26.15 -4.36
SD SAH F . -13.89 26.63 -3.94
C SAH F . -10.92 23.27 -3.25
O SAH F . -11.19 22.61 -4.27
OXT SAH F . -11.05 22.84 -2.10
C5' SAH F . -14.04 28.07 -4.92
C4' SAH F . -13.30 29.18 -4.19
O4' SAH F . -12.92 30.22 -5.10
C3' SAH F . -14.17 29.83 -3.14
O3' SAH F . -13.66 29.51 -1.84
C2' SAH F . -14.07 31.32 -3.37
O2' SAH F . -13.68 31.96 -2.16
C1' SAH F . -12.99 31.46 -4.41
N9 SAH F . -13.27 32.56 -5.35
C8 SAH F . -14.41 32.73 -6.05
N7 SAH F . -14.33 33.85 -6.82
C5 SAH F . -13.14 34.40 -6.59
C6 SAH F . -12.43 35.60 -7.08
N6 SAH F . -12.99 36.45 -7.97
N1 SAH F . -11.19 35.84 -6.58
C2 SAH F . -10.62 35.01 -5.70
N3 SAH F . -11.21 33.90 -5.23
C4 SAH F . -12.45 33.56 -5.62
N SAH G . -0.48 2.87 29.74
CA SAH G . 0.50 3.65 30.47
CB SAH G . -0.01 3.95 31.87
CG SAH G . -0.78 2.79 32.45
SD SAH G . -1.37 3.20 34.06
C SAH G . 1.77 2.86 30.57
O SAH G . 1.74 1.65 30.29
OXT SAH G . 2.80 3.45 30.92
C5' SAH G . -3.10 3.31 33.76
C4' SAH G . -3.45 4.68 33.22
O4' SAH G . -4.79 4.66 32.72
C3' SAH G . -3.41 5.76 34.29
O3' SAH G . -2.37 6.69 33.99
C2' SAH G . -4.75 6.47 34.23
O2' SAH G . -4.56 7.86 34.04
C1' SAH G . -5.46 5.88 33.02
N9 SAH G . -6.90 5.62 33.27
C8 SAH G . -7.41 4.83 34.22
N7 SAH G . -8.77 4.82 34.17
C5 SAH G . -9.13 5.63 33.16
C6 SAH G . -10.40 6.06 32.56
N6 SAH G . -11.59 5.63 33.04
N1 SAH G . -10.34 6.92 31.52
C2 SAH G . -9.18 7.37 31.03
N3 SAH G . -7.98 7.01 31.53
C4 SAH G . -7.89 6.16 32.57
N SAH H . 4.92 -26.19 3.32
CA SAH H . 4.81 -25.91 1.90
CB SAH H . 4.07 -27.04 1.21
CG SAH H . 2.91 -27.54 2.06
SD SAH H . 2.08 -28.83 1.21
C SAH H . 4.06 -24.63 1.69
O SAH H . 3.25 -24.26 2.57
OXT SAH H . 4.26 -23.98 0.65
C5' SAH H . 2.44 -30.20 2.26
C4' SAH H . 3.83 -30.74 1.97
O4' SAH H . 4.20 -31.65 2.99
C3' SAH H . 3.87 -31.52 0.66
O3' SAH H . 4.79 -30.91 -0.24
C2' SAH H . 4.37 -32.91 1.02
O2' SAH H . 5.41 -33.29 0.14
C1' SAH H . 4.89 -32.76 2.43
N9 SAH H . 4.64 -33.99 3.23
C8 SAH H . 3.46 -34.62 3.38
N7 SAH H . 3.59 -35.71 4.18
C5 SAH H . 4.88 -35.79 4.54
C6 SAH H . 5.70 -36.70 5.37
N6 SAH H . 5.15 -37.77 5.98
N1 SAH H . 7.01 -36.42 5.49
C2 SAH H . 7.57 -35.36 4.88
N3 SAH H . 6.89 -34.50 4.13
C4 SAH H . 5.56 -34.65 3.91
#